data_9EAB
#
_entry.id   9EAB
#
_cell.length_a   1.00
_cell.length_b   1.00
_cell.length_c   1.00
_cell.angle_alpha   90.00
_cell.angle_beta   90.00
_cell.angle_gamma   90.00
#
_symmetry.space_group_name_H-M   'P 1'
#
loop_
_entity.id
_entity.type
_entity.pdbx_description
1 polymer 'Capsid protein VP1'
2 polymer 'Capsid protein VP3'
3 polymer 'Capsid protein VP2'
4 polymer 'Capsid protein VP4'
5 non-polymer 'CALCIUM ION'
#
loop_
_entity_poly.entity_id
_entity_poly.type
_entity_poly.pdbx_seq_one_letter_code
_entity_poly.pdbx_strand_id
1 'polypeptide(L)'
;STDNAETGVIEAGNTDTDFSGELAAPGSNHTNVKFLFDRSRLLNVIKVLEKDAVFPRPFPTQEGAQQDDGYFCLLTPRPT
VASRPATRFGLYANPSGSGVLANTSLDFNFYSLACFTYFRSDLEVTVVSLEPDLEFAVGWFPSGSEYQASSFVYDQLHVP
FHFTGRTPRAFASKGGKVSFVLPWNSVSSVLPVRWGGASKLSSATRGLPAHADWGTIYAFVPRPNEKKSTAVKHVAVYIR
YKNARAWCPSMLPFRSYK
;
A
2 'polypeptide(L)'
;GPIPTAPRENSLMFLSTLPDDTVPAYGNVRTPPVNYLPGEITDLLQLARIPTLMAFERVPEPVPASDTYVPYVAVPTQFD
DRPLISFPITLSDPVYQNTLVGAISSNFANYRGCIQITLTFCGPMMARGKFLLSYSPPNGTQPQTLSEAMQCTYSIWDIG
LNSSWTFVVPYISPSDYRETRAITNSVYSADGWFSLHKLTKITLPPDCPQSPCILFFASAGEDYTLRLPVDCNPSYVF
;
B
3 'polypeptide(L)'
;RVTTQTAGNTAINTQSSLGVLCAYVEDPTKSDPPSSSTDQPTTTFTAIDRWYTGRLNSWTKAVKTFSFQAVPLPGAFLSR
QGGLNGGAFTATLHRHFLMKCGWQVQVQCNLTQFHQGALLVAMVPETTLDVKPDGKAKSLQELNEEQWVEMSDDYRTGKN
MPFQSLGTYYRPPNWTWGPNFINPYQVTVFPHQILNARTSTSVDINVPYIGETPTQSSETQNSWTLLVMVLVPLDYKEGA
TTDPEITFSVRPTSPYFNGLRNRYTAG
;
C
4 'polypeptide(L)' RGNNGNMTFNYYANTYQNSVDFSTSSSASGAGPGNSRGGLAGLLTNFSGILNPLGYLK D
#
loop_
_chem_comp.id
_chem_comp.type
_chem_comp.name
_chem_comp.formula
CA non-polymer 'CALCIUM ION' 'Ca 2'
#
# COMPACT_ATOMS: atom_id res chain seq x y z
N SER A 1 -19.06 -8.84 22.60
CA SER A 1 -18.46 -8.82 23.97
C SER A 1 -17.87 -7.46 24.28
N THR A 2 -17.49 -7.25 25.54
CA THR A 2 -16.87 -5.99 25.93
C THR A 2 -15.57 -5.78 25.16
N ASP A 3 -15.37 -4.56 24.69
CA ASP A 3 -14.17 -4.20 23.94
C ASP A 3 -14.15 -2.69 23.78
N ASN A 4 -13.01 -2.17 23.29
CA ASN A 4 -12.85 -0.75 23.06
C ASN A 4 -11.98 -0.60 21.80
N ALA A 5 -12.63 -0.46 20.66
CA ALA A 5 -11.93 -0.38 19.39
C ALA A 5 -11.38 1.01 19.11
N GLU A 6 -11.82 2.03 19.85
CA GLU A 6 -11.25 3.37 19.67
C GLU A 6 -9.77 3.37 20.01
N THR A 7 -9.37 2.54 20.96
CA THR A 7 -7.96 2.41 21.30
C THR A 7 -7.13 1.80 20.18
N GLY A 8 -7.76 1.18 19.19
CA GLY A 8 -7.05 0.60 18.08
C GLY A 8 -6.73 -0.86 18.25
N VAL A 9 -5.96 -1.20 19.29
CA VAL A 9 -5.55 -2.58 19.51
C VAL A 9 -6.69 -3.35 20.16
N ILE A 10 -7.47 -4.05 19.34
CA ILE A 10 -8.60 -4.83 19.82
C ILE A 10 -8.13 -6.23 20.18
N GLU A 11 -8.87 -6.88 21.08
CA GLU A 11 -8.54 -8.23 21.51
C GLU A 11 -8.96 -9.25 20.47
N ALA A 12 -8.87 -10.53 20.80
CA ALA A 12 -9.25 -11.59 19.88
C ALA A 12 -9.45 -12.90 20.63
N ASN A 14 -12.87 -16.67 18.86
CA ASN A 14 -13.86 -17.29 17.98
C ASN A 14 -15.19 -17.46 18.71
N THR A 15 -16.01 -18.40 18.23
CA THR A 15 -17.29 -18.66 18.87
C THR A 15 -17.14 -19.15 20.30
N ASP A 16 -15.94 -19.61 20.69
CA ASP A 16 -15.69 -20.00 22.06
C ASP A 16 -15.78 -18.82 23.01
N THR A 17 -15.72 -17.59 22.51
CA THR A 17 -15.74 -16.40 23.33
C THR A 17 -17.14 -15.89 23.64
N ASP A 18 -18.12 -16.12 22.75
CA ASP A 18 -19.45 -15.57 22.93
C ASP A 18 -20.49 -16.66 23.14
N PHE A 19 -20.56 -17.62 22.22
CA PHE A 19 -21.57 -18.69 22.30
C PHE A 19 -20.95 -19.98 22.81
N GLY A 21 -17.51 -23.39 21.84
CA GLY A 21 -17.56 -22.78 20.52
C GLY A 21 -16.95 -23.66 19.45
N GLU A 22 -16.49 -23.03 18.37
CA GLU A 22 -15.90 -23.74 17.24
C GLU A 22 -14.47 -23.23 17.03
N LEU A 23 -13.52 -24.16 16.98
CA LEU A 23 -12.12 -23.82 16.79
C LEU A 23 -11.55 -24.63 15.62
N ALA A 24 -12.24 -24.61 14.49
CA ALA A 24 -11.91 -25.44 13.34
C ALA A 24 -10.40 -25.58 13.17
N ALA A 25 -9.95 -26.82 13.00
CA ALA A 25 -8.53 -27.11 12.92
C ALA A 25 -7.94 -26.53 11.63
N PRO A 26 -6.64 -26.25 11.63
CA PRO A 26 -6.03 -25.64 10.44
C PRO A 26 -6.06 -26.58 9.24
N GLY A 27 -6.13 -25.99 8.06
CA GLY A 27 -6.15 -26.75 6.82
C GLY A 27 -6.02 -25.87 5.59
N ASN A 29 -1.49 -22.69 4.46
CA ASN A 29 -0.46 -21.67 4.29
C ASN A 29 -0.34 -21.24 2.83
N HIS A 30 -1.46 -21.25 2.12
CA HIS A 30 -1.48 -20.82 0.73
C HIS A 30 -1.34 -19.32 0.56
N THR A 31 -1.41 -18.55 1.64
CA THR A 31 -1.30 -17.10 1.58
C THR A 31 0.10 -16.60 1.86
N ASN A 32 1.07 -17.51 2.05
CA ASN A 32 2.42 -17.08 2.41
C ASN A 32 3.00 -16.18 1.33
N VAL A 33 3.74 -15.16 1.77
CA VAL A 33 4.31 -14.20 0.84
C VAL A 33 5.30 -14.88 -0.10
N LYS A 34 6.15 -15.75 0.45
CA LYS A 34 7.16 -16.41 -0.37
C LYS A 34 6.52 -17.28 -1.44
N PHE A 35 5.44 -17.98 -1.10
CA PHE A 35 4.80 -18.91 -2.02
C PHE A 35 3.92 -18.21 -3.05
N LEU A 36 3.18 -17.17 -2.64
CA LEU A 36 2.17 -16.59 -3.51
C LEU A 36 2.80 -15.98 -4.76
N PHE A 37 3.95 -15.30 -4.61
CA PHE A 37 4.51 -14.49 -5.67
C PHE A 37 5.39 -15.28 -6.63
N ASP A 38 5.43 -16.60 -6.52
CA ASP A 38 6.29 -17.42 -7.38
C ASP A 38 5.42 -18.01 -8.49
N ARG A 39 5.22 -17.23 -9.53
CA ARG A 39 4.53 -17.71 -10.72
C ARG A 39 4.64 -16.64 -11.80
N SER A 40 4.69 -17.09 -13.05
CA SER A 40 4.99 -16.19 -14.16
C SER A 40 3.80 -15.31 -14.50
N ARG A 41 4.08 -14.18 -15.13
CA ARG A 41 3.05 -13.26 -15.58
C ARG A 41 3.63 -12.35 -16.64
N LEU A 42 2.80 -12.01 -17.62
CA LEU A 42 3.26 -11.17 -18.72
C LEU A 42 3.61 -9.77 -18.22
N LEU A 43 4.62 -9.17 -18.85
CA LEU A 43 5.06 -7.82 -18.50
C LEU A 43 4.88 -6.84 -19.63
N ASN A 44 5.41 -7.13 -20.81
CA ASN A 44 5.35 -6.18 -21.91
C ASN A 44 5.67 -6.89 -23.22
N VAL A 45 5.30 -6.26 -24.32
CA VAL A 45 5.55 -6.76 -25.67
C VAL A 45 6.34 -5.69 -26.42
N ILE A 46 7.43 -6.10 -27.07
CA ILE A 46 8.37 -5.19 -27.68
C ILE A 46 8.71 -5.65 -29.08
N LYS A 47 9.19 -4.71 -29.90
CA LYS A 47 9.65 -5.02 -31.24
C LYS A 47 11.01 -5.70 -31.19
N VAL A 48 11.55 -6.02 -32.36
CA VAL A 48 12.83 -6.69 -32.48
C VAL A 48 13.73 -5.85 -33.39
N LEU A 49 14.95 -5.59 -32.92
CA LEU A 49 15.87 -4.75 -33.67
C LEU A 49 16.41 -5.47 -34.90
N GLU A 50 16.87 -4.69 -35.88
CA GLU A 50 17.54 -5.21 -37.06
C GLU A 50 18.76 -4.38 -37.42
N LYS A 51 19.22 -3.53 -36.51
CA LYS A 51 20.38 -2.67 -36.74
C LYS A 51 20.64 -1.89 -35.46
N ASP A 52 21.79 -1.23 -35.41
CA ASP A 52 22.11 -0.38 -34.27
C ASP A 52 21.08 0.73 -34.16
N ALA A 53 20.61 0.96 -32.93
CA ALA A 53 19.54 1.92 -32.66
C ALA A 53 20.06 3.07 -31.82
N VAL A 54 19.26 4.13 -31.77
CA VAL A 54 19.57 5.33 -30.98
C VAL A 54 18.61 5.36 -29.80
N PHE A 55 19.17 5.34 -28.60
CA PHE A 55 18.34 5.30 -27.39
C PHE A 55 17.53 6.59 -27.27
N PRO A 56 16.31 6.50 -26.72
CA PRO A 56 15.50 7.71 -26.56
C PRO A 56 16.19 8.74 -25.66
N ARG A 57 15.96 10.01 -25.98
CA ARG A 57 16.51 11.10 -25.19
C ARG A 57 15.65 11.35 -23.96
N PRO A 58 16.24 11.92 -22.91
CA PRO A 58 15.45 12.21 -21.70
C PRO A 58 14.40 13.30 -21.95
N PHE A 59 13.32 13.22 -21.18
CA PHE A 59 12.24 14.18 -21.35
C PHE A 59 12.67 15.57 -20.90
N PRO A 60 12.08 16.63 -21.47
CA PRO A 60 11.09 16.63 -22.55
C PRO A 60 11.76 16.47 -23.91
N THR A 61 11.13 15.76 -24.85
CA THR A 61 11.69 15.55 -26.18
C THR A 61 11.04 16.54 -27.13
N GLN A 62 11.85 17.38 -27.77
CA GLN A 62 11.33 18.40 -28.65
C GLN A 62 10.91 17.78 -29.99
N GLU A 63 10.16 18.56 -30.76
CA GLU A 63 9.70 18.10 -32.06
C GLU A 63 10.87 17.98 -33.03
N GLY A 64 10.82 16.96 -33.88
CA GLY A 64 11.85 16.78 -34.88
C GLY A 64 13.14 16.16 -34.34
N ALA A 65 13.05 15.33 -33.32
CA ALA A 65 14.21 14.65 -32.74
C ALA A 65 14.28 13.23 -33.28
N GLN A 66 15.43 12.86 -33.83
CA GLN A 66 15.60 11.55 -34.44
C GLN A 66 16.02 10.53 -33.40
N GLN A 67 15.29 9.43 -33.32
CA GLN A 67 15.58 8.36 -32.38
C GLN A 67 14.83 7.11 -32.83
N ASP A 68 15.01 6.04 -32.07
CA ASP A 68 14.34 4.76 -32.32
C ASP A 68 13.54 4.39 -31.08
N ASP A 69 12.21 4.45 -31.19
CA ASP A 69 11.31 4.23 -30.08
C ASP A 69 10.50 2.96 -30.30
N GLY A 70 10.03 2.39 -29.20
CA GLY A 70 9.26 1.17 -29.22
C GLY A 70 10.04 -0.07 -28.79
N TYR A 71 11.35 0.00 -28.74
CA TYR A 71 12.18 -1.11 -28.31
C TYR A 71 12.62 -0.91 -26.86
N PHE A 72 13.38 -1.87 -26.35
CA PHE A 72 13.84 -1.83 -24.96
C PHE A 72 12.67 -1.91 -24.00
N CYS A 73 12.93 -2.35 -22.77
CA CYS A 73 11.89 -2.40 -21.75
C CYS A 73 12.51 -2.59 -20.38
N LEU A 74 12.05 -1.81 -19.41
CA LEU A 74 12.55 -1.94 -18.05
C LEU A 74 12.02 -3.22 -17.41
N LEU A 75 12.60 -3.55 -16.26
CA LEU A 75 12.17 -4.69 -15.45
C LEU A 75 11.75 -4.16 -14.09
N THR A 76 10.47 -3.81 -13.97
CA THR A 76 9.96 -3.27 -12.72
C THR A 76 8.45 -3.33 -12.76
N PRO A 77 7.78 -3.53 -11.61
CA PRO A 77 6.32 -3.48 -11.58
C PRO A 77 5.76 -2.06 -11.64
N ARG A 78 6.52 -1.06 -11.22
CA ARG A 78 6.00 0.30 -11.19
C ARG A 78 5.70 0.78 -12.62
N PRO A 79 4.74 1.70 -12.78
CA PRO A 79 4.40 2.18 -14.12
C PRO A 79 5.60 2.79 -14.82
N THR A 80 5.67 2.59 -16.13
CA THR A 80 6.74 3.14 -16.94
C THR A 80 6.16 3.69 -18.23
N VAL A 81 6.88 4.64 -18.83
CA VAL A 81 6.48 5.24 -20.09
C VAL A 81 7.71 5.41 -20.97
N ALA A 82 7.60 5.02 -22.24
CA ALA A 82 8.68 5.18 -23.20
C ALA A 82 9.97 4.55 -22.67
N SER A 83 9.83 3.42 -21.98
CA SER A 83 10.97 2.69 -21.44
C SER A 83 11.71 3.49 -20.38
N ARG A 84 11.01 4.39 -19.70
CA ARG A 84 11.58 5.17 -18.61
C ARG A 84 10.66 5.13 -17.40
N PRO A 85 11.20 5.29 -16.20
CA PRO A 85 10.34 5.30 -15.01
C PRO A 85 9.33 6.44 -15.07
N ALA A 86 8.15 6.18 -14.51
CA ALA A 86 7.06 7.15 -14.53
C ALA A 86 6.23 7.00 -13.26
N THR A 87 5.31 7.93 -13.08
CA THR A 87 4.41 7.94 -11.92
C THR A 87 2.96 7.79 -12.32
N ARG A 88 2.47 8.58 -13.26
CA ARG A 88 1.08 8.51 -13.70
C ARG A 88 0.97 7.49 -14.83
N PHE A 89 0.17 6.44 -14.60
CA PHE A 89 -0.12 5.48 -15.65
C PHE A 89 -1.16 6.05 -16.59
N GLY A 90 -0.99 5.77 -17.89
CA GLY A 90 -1.90 6.30 -18.89
C GLY A 90 -1.99 5.38 -20.08
N LEU A 91 -3.00 5.61 -20.90
CA LEU A 91 -3.24 4.81 -22.08
C LEU A 91 -3.93 5.66 -23.14
N TYR A 92 -3.81 5.23 -24.40
CA TYR A 92 -4.39 5.95 -25.52
C TYR A 92 -5.68 5.25 -25.94
N ALA A 93 -6.76 5.57 -25.21
CA ALA A 93 -8.08 5.07 -25.57
C ALA A 93 -8.73 5.88 -26.69
N ASN A 94 -8.19 7.04 -27.01
CA ASN A 94 -8.77 7.89 -28.03
C ASN A 94 -8.49 7.34 -29.42
N PRO A 95 -9.27 7.75 -30.42
CA PRO A 95 -9.02 7.29 -31.79
C PRO A 95 -7.77 7.92 -32.39
N SER A 96 -7.58 7.75 -33.69
CA SER A 96 -6.38 8.24 -34.36
C SER A 96 -6.15 9.72 -34.04
N GLY A 97 -4.88 10.06 -33.82
CA GLY A 97 -4.49 11.42 -33.51
C GLY A 97 -3.28 11.86 -34.31
N SER A 98 -2.25 12.35 -33.61
CA SER A 98 -1.02 12.80 -34.25
C SER A 98 0.15 12.49 -33.34
N GLY A 99 1.35 12.83 -33.80
CA GLY A 99 2.53 12.61 -32.99
C GLY A 99 2.85 11.12 -32.88
N VAL A 100 3.64 10.80 -31.86
CA VAL A 100 4.08 9.44 -31.60
C VAL A 100 3.37 8.94 -30.35
N LEU A 101 3.00 7.66 -30.37
CA LEU A 101 2.34 7.02 -29.25
C LEU A 101 3.38 6.37 -28.36
N ALA A 102 3.29 6.62 -27.05
CA ALA A 102 4.28 6.16 -26.10
C ALA A 102 3.86 4.82 -25.52
N ASN A 103 4.73 3.82 -25.66
CA ASN A 103 4.48 2.52 -25.06
C ASN A 103 4.46 2.64 -23.54
N THR A 104 3.59 1.88 -22.89
CA THR A 104 3.45 1.91 -21.44
C THR A 104 3.25 0.49 -20.93
N SER A 105 3.49 0.31 -19.64
CA SER A 105 3.41 -1.01 -19.04
C SER A 105 3.12 -0.88 -17.55
N LEU A 106 2.71 -2.00 -16.95
CA LEU A 106 2.36 -2.05 -15.54
C LEU A 106 2.04 -3.49 -15.16
N ASP A 107 2.19 -3.85 -13.89
CA ASP A 107 1.94 -5.21 -13.43
C ASP A 107 0.60 -5.26 -12.71
N PHE A 108 -0.46 -5.54 -13.46
CA PHE A 108 -1.80 -5.54 -12.89
C PHE A 108 -1.90 -6.53 -11.74
N ASN A 109 -1.41 -7.75 -11.96
CA ASN A 109 -1.54 -8.78 -10.93
C ASN A 109 -0.74 -8.43 -9.69
N PHE A 110 0.46 -7.87 -9.86
CA PHE A 110 1.25 -7.47 -8.70
C PHE A 110 0.54 -6.38 -7.90
N TYR A 111 0.01 -5.37 -8.59
CA TYR A 111 -0.60 -4.28 -7.87
C TYR A 111 -1.97 -4.63 -7.32
N SER A 112 -2.60 -5.69 -7.82
CA SER A 112 -3.87 -6.12 -7.23
C SER A 112 -3.71 -6.59 -5.80
N LEU A 113 -2.51 -7.04 -5.41
CA LEU A 113 -2.25 -7.47 -4.04
C LEU A 113 -1.05 -6.75 -3.43
N ALA A 114 -0.56 -5.68 -4.06
CA ALA A 114 0.52 -4.92 -3.46
C ALA A 114 0.01 -4.12 -2.28
N CYS A 115 -0.03 -4.76 -1.10
CA CYS A 115 -0.59 -4.16 0.10
C CYS A 115 0.48 -3.73 1.09
N PHE A 116 1.72 -3.54 0.63
CA PHE A 116 2.79 -3.07 1.49
C PHE A 116 3.57 -1.96 0.79
N THR A 117 4.66 -1.50 1.41
CA THR A 117 5.46 -0.41 0.87
C THR A 117 6.77 -0.88 0.25
N TYR A 118 7.53 -1.70 0.97
CA TYR A 118 8.86 -2.10 0.53
C TYR A 118 8.88 -3.57 0.16
N PHE A 119 9.66 -3.90 -0.86
CA PHE A 119 9.65 -5.22 -1.47
C PHE A 119 11.06 -5.56 -1.93
N ARG A 120 11.34 -6.85 -2.05
CA ARG A 120 12.65 -7.29 -2.53
C ARG A 120 12.57 -8.76 -2.89
N SER A 121 13.16 -9.12 -4.03
CA SER A 121 13.16 -10.50 -4.48
C SER A 121 14.06 -10.61 -5.71
N ASP A 122 14.40 -11.85 -6.05
CA ASP A 122 15.12 -12.14 -7.28
C ASP A 122 14.15 -12.28 -8.45
N LEU A 123 14.64 -11.97 -9.64
CA LEU A 123 13.83 -11.95 -10.84
C LEU A 123 14.30 -13.03 -11.81
N GLU A 124 13.34 -13.71 -12.44
CA GLU A 124 13.63 -14.80 -13.37
C GLU A 124 12.91 -14.50 -14.67
N VAL A 125 13.66 -14.21 -15.72
CA VAL A 125 13.12 -13.72 -16.97
C VAL A 125 13.07 -14.85 -17.99
N THR A 126 12.11 -14.75 -18.91
CA THR A 126 12.01 -15.66 -20.04
C THR A 126 11.34 -14.91 -21.19
N VAL A 127 11.53 -15.41 -22.40
CA VAL A 127 11.09 -14.73 -23.61
C VAL A 127 10.38 -15.73 -24.51
N VAL A 128 9.30 -15.29 -25.15
CA VAL A 128 8.51 -16.13 -26.04
C VAL A 128 8.28 -15.35 -27.34
N SER A 129 8.46 -16.03 -28.47
CA SER A 129 8.23 -15.39 -29.76
C SER A 129 6.75 -15.43 -30.11
N LEU A 130 6.38 -14.63 -31.11
CA LEU A 130 5.01 -14.58 -31.61
C LEU A 130 4.90 -15.01 -33.06
N GLU A 131 5.75 -14.48 -33.94
CA GLU A 131 5.66 -14.82 -35.34
C GLU A 131 6.20 -16.23 -35.58
N PRO A 132 5.68 -16.94 -36.57
CA PRO A 132 6.15 -18.31 -36.82
C PRO A 132 7.60 -18.34 -37.25
N ASP A 133 8.29 -19.40 -36.84
CA ASP A 133 9.65 -19.69 -37.27
C ASP A 133 10.53 -18.44 -37.32
N LEU A 134 10.69 -17.82 -36.16
CA LEU A 134 11.47 -16.59 -36.02
C LEU A 134 12.74 -16.89 -35.22
N GLU A 135 13.85 -16.29 -35.65
CA GLU A 135 15.13 -16.44 -34.99
C GLU A 135 15.55 -15.10 -34.39
N PHE A 136 16.02 -15.13 -33.15
CA PHE A 136 16.30 -13.89 -32.44
C PHE A 136 17.32 -14.16 -31.34
N ALA A 137 17.59 -13.12 -30.54
CA ALA A 137 18.49 -13.19 -29.40
C ALA A 137 18.17 -12.04 -28.47
N VAL A 138 18.71 -12.10 -27.26
CA VAL A 138 18.38 -11.15 -26.21
C VAL A 138 19.66 -10.58 -25.60
N GLY A 139 19.56 -9.37 -25.08
CA GLY A 139 20.66 -8.73 -24.39
C GLY A 139 20.15 -7.88 -23.25
N TRP A 140 20.97 -7.76 -22.20
CA TRP A 140 20.56 -7.10 -20.97
C TRP A 140 21.77 -6.45 -20.33
N PHE A 141 21.53 -5.37 -19.59
CA PHE A 141 22.59 -4.69 -18.86
C PHE A 141 22.04 -4.19 -17.53
N PRO A 142 22.90 -4.00 -16.53
CA PRO A 142 22.41 -3.64 -15.19
C PRO A 142 21.82 -2.24 -15.12
N SER A 143 21.36 -1.85 -13.94
CA SER A 143 20.81 -0.51 -13.73
C SER A 143 21.93 0.51 -13.62
N GLY A 144 21.69 1.68 -14.21
CA GLY A 144 22.69 2.74 -14.23
C GLY A 144 23.69 2.64 -15.35
N SER A 145 23.63 1.60 -16.18
CA SER A 145 24.54 1.44 -17.30
C SER A 145 23.95 2.14 -18.53
N GLU A 146 24.55 1.91 -19.69
CA GLU A 146 24.11 2.52 -20.92
C GLU A 146 24.23 1.51 -22.06
N TYR A 147 23.44 1.74 -23.12
CA TYR A 147 23.44 0.88 -24.29
C TYR A 147 24.44 1.39 -25.31
N GLN A 148 25.30 0.49 -25.78
CA GLN A 148 26.39 0.86 -26.68
C GLN A 148 25.88 0.90 -28.12
N ALA A 149 26.14 2.01 -28.80
CA ALA A 149 25.69 2.22 -30.16
C ALA A 149 26.84 2.02 -31.15
N SER A 150 26.60 2.35 -32.41
CA SER A 150 27.61 2.29 -33.46
C SER A 150 27.81 0.86 -33.95
N SER A 151 28.58 0.71 -35.04
CA SER A 151 28.81 -0.60 -35.64
C SER A 151 30.18 -0.62 -36.28
N PHE A 152 30.70 -1.83 -36.48
CA PHE A 152 32.00 -2.04 -37.09
C PHE A 152 31.84 -2.83 -38.38
N VAL A 153 32.86 -2.77 -39.22
CA VAL A 153 32.83 -3.37 -40.56
C VAL A 153 33.68 -4.64 -40.54
N TYR A 154 33.08 -5.74 -41.00
CA TYR A 154 33.78 -7.01 -41.19
C TYR A 154 33.47 -7.49 -42.59
N ASP A 155 34.49 -7.53 -43.45
CA ASP A 155 34.30 -7.97 -44.84
C ASP A 155 33.19 -7.18 -45.51
N GLN A 156 33.14 -5.88 -45.23
CA GLN A 156 32.14 -4.99 -45.82
C GLN A 156 30.72 -5.38 -45.38
N LEU A 157 30.60 -5.81 -44.14
CA LEU A 157 29.30 -6.03 -43.50
C LEU A 157 29.29 -5.28 -42.18
N HIS A 158 28.25 -4.50 -41.95
CA HIS A 158 28.14 -3.66 -40.76
C HIS A 158 27.50 -4.46 -39.64
N VAL A 159 28.30 -4.85 -38.66
CA VAL A 159 27.85 -5.65 -37.53
C VAL A 159 27.66 -4.71 -36.33
N PRO A 160 26.45 -4.58 -35.79
CA PRO A 160 26.26 -3.72 -34.63
C PRO A 160 27.12 -4.16 -33.45
N PHE A 161 27.56 -3.18 -32.67
CA PHE A 161 28.46 -3.47 -31.55
C PHE A 161 27.80 -4.37 -30.52
N HIS A 162 26.47 -4.33 -30.40
CA HIS A 162 25.82 -5.07 -29.34
C HIS A 162 25.95 -6.58 -29.50
N PHE A 163 26.55 -7.06 -30.59
CA PHE A 163 26.79 -8.49 -30.73
C PHE A 163 27.70 -9.01 -29.62
N THR A 164 28.61 -8.17 -29.13
CA THR A 164 29.60 -8.59 -28.13
C THR A 164 29.57 -7.65 -26.94
N GLY A 165 29.88 -8.20 -25.78
CA GLY A 165 29.93 -7.40 -24.56
C GLY A 165 30.13 -8.30 -23.36
N ARG A 166 30.48 -7.67 -22.24
CA ARG A 166 30.68 -8.40 -21.00
C ARG A 166 29.38 -8.82 -20.35
N THR A 167 28.26 -8.23 -20.75
CA THR A 167 26.97 -8.61 -20.18
C THR A 167 26.41 -9.86 -20.86
N PRO A 168 25.54 -10.59 -20.18
CA PRO A 168 25.05 -11.85 -20.74
C PRO A 168 24.35 -11.66 -22.08
N ARG A 169 24.52 -12.67 -22.94
CA ARG A 169 23.81 -12.77 -24.20
C ARG A 169 23.19 -14.15 -24.31
N ALA A 170 22.10 -14.25 -25.07
CA ALA A 170 21.39 -15.51 -25.23
C ALA A 170 21.03 -15.71 -26.69
N PHE A 171 21.40 -16.87 -27.23
CA PHE A 171 21.05 -17.26 -28.58
C PHE A 171 20.15 -18.49 -28.52
N ALA A 172 18.99 -18.40 -29.13
CA ALA A 172 18.02 -19.48 -29.14
C ALA A 172 17.86 -20.04 -30.54
N SER A 173 17.64 -21.34 -30.64
CA SER A 173 17.48 -21.97 -31.93
C SER A 173 16.22 -21.46 -32.63
N LYS A 174 16.02 -21.92 -33.86
CA LYS A 174 14.86 -21.50 -34.64
C LYS A 174 13.58 -21.90 -33.91
N GLY A 175 12.71 -20.92 -33.65
CA GLY A 175 11.49 -21.17 -32.92
C GLY A 175 11.70 -21.68 -31.52
N GLY A 176 12.64 -21.10 -30.79
CA GLY A 176 12.98 -21.53 -29.45
C GLY A 176 12.50 -20.56 -28.38
N LYS A 177 13.04 -20.74 -27.18
CA LYS A 177 12.67 -19.91 -26.04
C LYS A 177 13.91 -19.72 -25.15
N VAL A 178 13.85 -18.69 -24.31
CA VAL A 178 14.98 -18.29 -23.50
C VAL A 178 14.52 -18.17 -22.05
N SER A 179 15.48 -18.32 -21.13
CA SER A 179 15.17 -18.22 -19.71
C SER A 179 16.47 -18.14 -18.92
N PHE A 180 16.46 -17.36 -17.85
CA PHE A 180 17.58 -17.27 -16.94
C PHE A 180 17.17 -16.39 -15.76
N VAL A 181 17.97 -16.45 -14.70
CA VAL A 181 17.67 -15.77 -13.44
C VAL A 181 18.78 -14.76 -13.16
N LEU A 182 18.38 -13.53 -12.83
CA LEU A 182 19.32 -12.45 -12.57
C LEU A 182 19.31 -12.08 -11.09
N PRO A 183 20.38 -11.46 -10.59
CA PRO A 183 20.43 -11.09 -9.18
C PRO A 183 19.95 -9.66 -8.94
N TRP A 184 19.43 -9.45 -7.74
CA TRP A 184 19.07 -8.10 -7.30
C TRP A 184 20.32 -7.23 -7.28
N ASN A 185 20.38 -6.24 -8.16
CA ASN A 185 21.62 -5.50 -8.40
C ASN A 185 21.50 -3.99 -8.22
N SER A 186 20.33 -3.46 -7.92
CA SER A 186 20.20 -2.02 -7.74
C SER A 186 20.92 -1.57 -6.48
N VAL A 187 21.29 -0.29 -6.45
CA VAL A 187 22.00 0.25 -5.29
C VAL A 187 21.08 0.33 -4.07
N SER A 188 19.84 0.75 -4.28
CA SER A 188 18.90 0.87 -3.17
C SER A 188 18.72 -0.48 -2.48
N SER A 189 18.63 -0.46 -1.15
CA SER A 189 18.54 -1.70 -0.40
C SER A 189 17.29 -2.48 -0.77
N VAL A 190 16.15 -1.80 -0.86
CA VAL A 190 14.86 -2.43 -1.16
C VAL A 190 14.11 -1.60 -2.18
N LEU A 191 13.12 -2.22 -2.80
CA LEU A 191 12.32 -1.57 -3.83
C LEU A 191 11.14 -0.85 -3.19
N PRO A 192 11.00 0.46 -3.37
CA PRO A 192 9.83 1.17 -2.81
C PRO A 192 8.64 1.06 -3.74
N VAL A 193 7.60 0.37 -3.28
CA VAL A 193 6.38 0.26 -4.08
C VAL A 193 5.77 1.63 -4.30
N ARG A 194 5.71 2.44 -3.25
CA ARG A 194 5.29 3.83 -3.34
C ARG A 194 6.27 4.70 -2.57
N TRP A 195 6.67 5.81 -3.18
CA TRP A 195 7.74 6.65 -2.66
C TRP A 195 7.27 8.10 -2.55
N GLY A 196 7.98 8.87 -1.72
CA GLY A 196 7.63 10.25 -1.51
C GLY A 196 8.80 11.21 -1.47
N GLY A 197 10.00 10.72 -1.75
CA GLY A 197 11.20 11.53 -1.73
C GLY A 197 11.51 12.17 -3.07
N ALA A 198 12.70 12.76 -3.14
CA ALA A 198 13.22 13.35 -4.36
C ALA A 198 14.64 12.88 -4.59
N SER A 199 15.02 12.71 -5.86
CA SER A 199 16.30 12.15 -6.21
C SER A 199 17.39 13.18 -6.41
N LYS A 200 17.04 14.44 -6.64
CA LYS A 200 18.02 15.50 -6.88
C LYS A 200 17.74 16.67 -5.95
N LEU A 201 18.79 17.47 -5.72
CA LEU A 201 18.67 18.61 -4.84
C LEU A 201 17.77 19.69 -5.44
N SER A 202 17.79 19.84 -6.76
CA SER A 202 17.00 20.87 -7.42
C SER A 202 16.43 20.32 -8.74
N SER A 203 15.33 20.92 -9.16
CA SER A 203 14.66 20.57 -10.41
C SER A 203 14.15 19.13 -10.42
N ALA A 204 13.97 18.53 -9.24
CA ALA A 204 13.51 17.17 -9.16
C ALA A 204 11.98 17.11 -9.23
N THR A 205 11.46 15.91 -9.42
CA THR A 205 10.03 15.65 -9.41
C THR A 205 9.70 14.78 -8.21
N ARG A 206 8.79 15.24 -7.37
CA ARG A 206 8.47 14.52 -6.15
C ARG A 206 7.89 13.15 -6.46
N GLY A 207 8.35 12.15 -5.71
CA GLY A 207 7.78 10.81 -5.82
C GLY A 207 8.23 10.01 -7.02
N LEU A 208 9.33 10.40 -7.67
CA LEU A 208 9.84 9.66 -8.82
C LEU A 208 11.15 8.99 -8.46
N PRO A 209 11.19 7.68 -8.23
CA PRO A 209 12.44 7.03 -7.85
C PRO A 209 13.43 6.99 -9.01
N ALA A 210 14.70 6.79 -8.65
CA ALA A 210 15.79 6.87 -9.60
C ALA A 210 16.18 5.51 -10.17
N HIS A 211 16.56 4.56 -9.32
CA HIS A 211 17.12 3.27 -9.73
C HIS A 211 16.34 2.13 -9.09
N ALA A 212 15.01 2.18 -9.21
CA ALA A 212 14.15 1.12 -8.69
C ALA A 212 13.75 0.21 -9.84
N ASP A 213 14.61 -0.77 -10.12
CA ASP A 213 14.39 -1.70 -11.22
C ASP A 213 15.39 -2.84 -11.10
N TRP A 214 15.36 -3.73 -12.10
CA TRP A 214 16.32 -4.83 -12.21
C TRP A 214 17.28 -4.69 -13.37
N GLY A 215 16.93 -3.96 -14.42
CA GLY A 215 17.80 -3.79 -15.56
C GLY A 215 17.02 -3.39 -16.80
N THR A 216 17.52 -3.82 -17.96
CA THR A 216 16.89 -3.50 -19.23
C THR A 216 17.13 -4.67 -20.19
N ILE A 217 16.21 -4.83 -21.15
CA ILE A 217 16.26 -5.94 -22.08
C ILE A 217 15.93 -5.45 -23.48
N TYR A 218 16.49 -6.13 -24.48
CA TYR A 218 16.19 -5.83 -25.87
C TYR A 218 16.39 -7.10 -26.69
N ALA A 219 15.85 -7.08 -27.91
CA ALA A 219 15.92 -8.24 -28.80
C ALA A 219 16.42 -7.81 -30.17
N PHE A 220 17.18 -8.70 -30.81
CA PHE A 220 17.77 -8.41 -32.10
C PHE A 220 17.97 -9.71 -32.87
N VAL A 221 18.13 -9.58 -34.18
CA VAL A 221 18.29 -10.73 -35.06
C VAL A 221 19.77 -10.91 -35.36
N PRO A 222 20.32 -12.12 -35.33
CA PRO A 222 21.73 -12.32 -35.72
C PRO A 222 21.92 -12.28 -37.23
N ARG A 223 21.88 -11.07 -37.78
CA ARG A 223 22.11 -10.81 -39.19
C ARG A 223 22.89 -9.52 -39.33
N PRO A 224 23.60 -9.34 -40.44
CA PRO A 224 24.26 -8.05 -40.69
C PRO A 224 23.24 -6.97 -41.04
N ASN A 225 23.67 -5.72 -40.90
CA ASN A 225 22.80 -4.59 -41.22
C ASN A 225 22.49 -4.48 -42.70
N GLU A 226 23.18 -5.23 -43.55
CA GLU A 226 22.98 -5.17 -44.98
C GLU A 226 21.83 -6.06 -45.46
N LYS A 227 21.07 -6.65 -44.54
CA LYS A 227 19.97 -7.54 -44.89
C LYS A 227 18.67 -7.09 -44.21
N LYS A 228 18.45 -5.79 -44.10
CA LYS A 228 17.26 -5.29 -43.45
C LYS A 228 16.01 -5.69 -44.23
N SER A 229 14.92 -5.92 -43.51
CA SER A 229 13.64 -6.32 -44.08
C SER A 229 12.60 -5.24 -43.80
N THR A 230 11.35 -5.53 -44.13
CA THR A 230 10.26 -4.57 -43.99
C THR A 230 9.28 -4.97 -42.90
N ALA A 231 8.74 -6.19 -42.96
CA ALA A 231 7.74 -6.60 -41.99
C ALA A 231 8.32 -6.57 -40.57
N VAL A 232 7.52 -6.07 -39.63
CA VAL A 232 7.95 -5.97 -38.25
C VAL A 232 7.81 -7.34 -37.56
N LYS A 233 8.46 -7.46 -36.42
CA LYS A 233 8.37 -8.67 -35.60
C LYS A 233 8.15 -8.25 -34.15
N HIS A 234 7.59 -9.18 -33.36
CA HIS A 234 7.25 -8.90 -31.98
C HIS A 234 7.73 -10.04 -31.08
N VAL A 235 7.84 -9.72 -29.79
CA VAL A 235 8.33 -10.67 -28.79
C VAL A 235 7.57 -10.43 -27.49
N ALA A 236 7.38 -11.49 -26.72
CA ALA A 236 6.71 -11.42 -25.44
C ALA A 236 7.70 -11.69 -24.32
N VAL A 237 7.38 -11.18 -23.12
CA VAL A 237 8.25 -11.26 -21.96
C VAL A 237 7.44 -11.69 -20.75
N TYR A 238 8.04 -12.53 -19.91
CA TYR A 238 7.43 -12.96 -18.66
C TYR A 238 8.47 -12.85 -17.55
N ILE A 239 7.99 -12.71 -16.31
CA ILE A 239 8.86 -12.56 -15.16
C ILE A 239 8.33 -13.38 -13.99
N ARG A 240 9.22 -13.70 -13.06
CA ARG A 240 8.86 -14.41 -11.84
C ARG A 240 9.66 -13.83 -10.69
N TYR A 241 9.20 -14.07 -9.47
CA TYR A 241 9.84 -13.60 -8.26
C TYR A 241 10.26 -14.78 -7.40
N LYS A 242 11.46 -14.67 -6.81
CA LYS A 242 12.02 -15.73 -5.99
C LYS A 242 12.37 -15.18 -4.62
N ASN A 243 11.95 -15.88 -3.57
CA ASN A 243 12.28 -15.50 -2.19
C ASN A 243 11.86 -14.06 -1.90
N ALA A 244 10.64 -13.72 -2.29
CA ALA A 244 10.16 -12.36 -2.09
C ALA A 244 9.94 -12.08 -0.60
N ARG A 245 10.00 -10.80 -0.25
CA ARG A 245 9.79 -10.36 1.12
C ARG A 245 9.10 -9.00 1.11
N ALA A 246 8.29 -8.76 2.14
CA ALA A 246 7.61 -7.48 2.34
C ALA A 246 7.91 -6.97 3.73
N TRP A 247 7.81 -5.65 3.90
CA TRP A 247 8.36 -5.02 5.10
C TRP A 247 7.41 -4.08 5.84
N CYS A 248 6.27 -3.70 5.29
CA CYS A 248 5.34 -2.88 6.08
C CYS A 248 3.96 -2.79 5.43
N PRO A 249 2.89 -2.71 6.22
CA PRO A 249 1.54 -2.67 5.66
C PRO A 249 1.33 -1.47 4.77
N SER A 250 0.23 -1.51 4.03
CA SER A 250 -0.16 -0.42 3.14
C SER A 250 -1.63 -0.61 2.76
N MET A 251 -2.09 0.15 1.77
CA MET A 251 -3.47 0.12 1.30
C MET A 251 -3.58 -0.77 0.07
N LEU A 252 -4.75 -0.78 -0.54
CA LEU A 252 -5.04 -1.55 -1.75
C LEU A 252 -5.81 -0.67 -2.72
N PRO A 253 -5.79 -1.02 -4.01
CA PRO A 253 -6.45 -0.16 -5.01
C PRO A 253 -7.94 -0.03 -4.74
N PHE A 254 -8.46 1.14 -5.08
CA PHE A 254 -9.88 1.43 -4.86
C PHE A 254 -10.74 0.82 -5.95
N ARG A 255 -11.91 0.32 -5.55
CA ARG A 255 -12.87 -0.29 -6.46
C ARG A 255 -14.10 0.60 -6.55
N SER A 256 -14.50 0.94 -7.76
CA SER A 256 -15.63 1.84 -7.95
C SER A 256 -16.94 1.17 -7.53
N TYR A 257 -17.89 1.99 -7.11
CA TYR A 257 -19.19 1.51 -6.65
C TYR A 257 -20.27 1.59 -7.72
N LYS A 258 -19.89 1.95 -8.95
CA LYS A 258 -20.86 2.04 -10.05
C LYS A 258 -21.73 0.79 -10.10
N GLY B 1 30.72 -44.69 -21.28
CA GLY B 1 30.08 -44.36 -22.59
C GLY B 1 28.75 -43.65 -22.41
N PRO B 2 28.10 -43.31 -23.52
CA PRO B 2 26.83 -42.59 -23.42
C PRO B 2 25.80 -43.38 -22.61
N ILE B 3 25.00 -42.64 -21.86
CA ILE B 3 23.95 -43.23 -21.02
C ILE B 3 22.66 -43.24 -21.82
N PRO B 4 22.01 -44.38 -22.02
CA PRO B 4 20.75 -44.38 -22.78
C PRO B 4 19.69 -43.58 -22.05
N THR B 5 18.83 -42.93 -22.84
CA THR B 5 17.76 -42.11 -22.28
C THR B 5 16.59 -42.11 -23.26
N ALA B 6 15.44 -41.65 -22.76
CA ALA B 6 14.21 -41.62 -23.55
C ALA B 6 13.40 -40.38 -23.16
N PRO B 7 13.43 -39.33 -23.96
CA PRO B 7 12.63 -38.14 -23.64
C PRO B 7 11.15 -38.46 -23.63
N ARG B 8 10.42 -37.82 -22.72
CA ARG B 8 9.02 -38.11 -22.51
C ARG B 8 8.17 -37.36 -23.54
N GLU B 9 6.84 -37.45 -23.40
CA GLU B 9 5.92 -36.87 -24.36
C GLU B 9 5.79 -35.36 -24.22
N ASN B 10 6.20 -34.79 -23.09
CA ASN B 10 5.99 -33.37 -22.80
C ASN B 10 7.31 -32.62 -22.73
N SER B 11 8.21 -32.90 -23.68
CA SER B 11 9.49 -32.20 -23.72
C SER B 11 9.34 -30.84 -24.37
N LEU B 12 10.24 -29.93 -24.01
CA LEU B 12 10.27 -28.58 -24.57
C LEU B 12 9.01 -27.79 -24.23
N MET B 13 8.34 -28.14 -23.14
CA MET B 13 7.14 -27.44 -22.72
C MET B 13 7.49 -26.33 -21.74
N PHE B 14 6.70 -25.27 -21.75
CA PHE B 14 6.85 -24.15 -20.84
C PHE B 14 5.63 -24.08 -19.94
N LEU B 15 5.86 -24.14 -18.63
CA LEU B 15 4.79 -24.04 -17.64
C LEU B 15 4.98 -22.77 -16.83
N SER B 16 3.91 -22.01 -16.64
CA SER B 16 3.97 -20.75 -15.93
C SER B 16 3.97 -20.91 -14.42
N THR B 17 3.78 -22.13 -13.91
CA THR B 17 3.77 -22.36 -12.47
C THR B 17 4.53 -23.63 -12.11
N LEU B 18 5.51 -24.01 -12.91
CA LEU B 18 6.29 -25.20 -12.63
C LEU B 18 7.17 -24.97 -11.41
N PRO B 19 7.13 -25.84 -10.41
CA PRO B 19 7.99 -25.64 -9.22
C PRO B 19 9.43 -26.11 -9.44
N ASP B 20 10.20 -25.29 -10.14
CA ASP B 20 11.59 -25.60 -10.43
C ASP B 20 12.35 -24.30 -10.67
N ASP B 21 13.69 -24.39 -10.59
CA ASP B 21 14.55 -23.24 -10.74
C ASP B 21 15.03 -23.12 -12.17
N THR B 22 15.97 -22.21 -12.41
CA THR B 22 16.56 -22.00 -13.73
C THR B 22 18.05 -21.77 -13.58
N VAL B 23 18.76 -21.91 -14.69
CA VAL B 23 20.22 -21.76 -14.66
C VAL B 23 20.56 -20.30 -14.41
N PRO B 24 21.58 -19.99 -13.61
CA PRO B 24 21.97 -18.60 -13.40
C PRO B 24 22.81 -18.07 -14.56
N ALA B 25 22.75 -16.76 -14.73
CA ALA B 25 23.47 -16.09 -15.82
C ALA B 25 24.52 -15.11 -15.34
N TYR B 26 24.32 -14.46 -14.20
CA TYR B 26 25.21 -13.41 -13.72
C TYR B 26 25.43 -13.56 -12.22
N GLY B 27 25.59 -14.79 -11.75
CA GLY B 27 25.63 -15.06 -10.32
C GLY B 27 26.80 -14.43 -9.59
N ASN B 28 26.96 -14.80 -8.32
CA ASN B 28 28.05 -14.31 -7.48
C ASN B 28 27.97 -12.79 -7.31
N VAL B 29 26.86 -12.34 -6.74
CA VAL B 29 26.63 -10.93 -6.47
C VAL B 29 26.16 -10.78 -5.03
N ARG B 30 26.75 -9.85 -4.30
CA ARG B 30 26.39 -9.57 -2.93
C ARG B 30 25.49 -8.35 -2.86
N THR B 31 24.75 -8.25 -1.76
CA THR B 31 23.77 -7.19 -1.58
C THR B 31 23.88 -6.59 -0.19
N PRO B 32 23.51 -5.32 -0.03
CA PRO B 32 23.59 -4.70 1.29
C PRO B 32 22.60 -5.34 2.25
N PRO B 33 22.89 -5.36 3.55
CA PRO B 33 21.98 -5.99 4.50
C PRO B 33 20.73 -5.15 4.75
N VAL B 34 19.68 -5.82 5.20
CA VAL B 34 18.39 -5.18 5.45
C VAL B 34 17.90 -5.49 6.85
N ASN B 35 18.83 -5.73 7.78
CA ASN B 35 18.42 -6.00 9.16
C ASN B 35 17.91 -4.76 9.86
N TYR B 36 18.06 -3.58 9.27
CA TYR B 36 17.66 -2.33 9.91
C TYR B 36 16.19 -1.99 9.71
N LEU B 37 15.47 -2.73 8.86
CA LEU B 37 14.09 -2.39 8.55
C LEU B 37 13.16 -3.20 9.44
N PRO B 38 12.35 -2.57 10.28
CA PRO B 38 11.45 -3.33 11.15
C PRO B 38 10.07 -3.52 10.55
N GLY B 39 9.41 -4.58 10.99
CA GLY B 39 8.03 -4.84 10.60
C GLY B 39 7.89 -5.73 9.39
N GLU B 40 8.71 -6.77 9.31
CA GLU B 40 8.66 -7.68 8.18
C GLU B 40 7.37 -8.49 8.19
N ILE B 41 6.79 -8.69 7.01
CA ILE B 41 5.57 -9.46 6.85
C ILE B 41 5.93 -10.87 6.42
N THR B 42 5.12 -11.83 6.87
CA THR B 42 5.31 -13.23 6.52
C THR B 42 4.09 -13.85 5.86
N ASP B 43 2.89 -13.49 6.30
CA ASP B 43 1.65 -14.04 5.76
C ASP B 43 0.61 -12.94 5.67
N LEU B 44 -0.12 -12.90 4.57
CA LEU B 44 -1.13 -11.86 4.36
C LEU B 44 -2.29 -11.96 5.35
N LEU B 45 -2.44 -13.08 6.04
CA LEU B 45 -3.46 -13.15 7.08
C LEU B 45 -3.22 -12.11 8.16
N GLN B 46 -1.95 -11.75 8.39
CA GLN B 46 -1.66 -10.70 9.36
C GLN B 46 -2.38 -9.41 9.00
N LEU B 47 -2.35 -9.03 7.73
CA LEU B 47 -3.10 -7.86 7.30
C LEU B 47 -4.60 -8.13 7.25
N ALA B 48 -4.99 -9.37 6.92
CA ALA B 48 -6.41 -9.69 6.86
C ALA B 48 -7.08 -9.58 8.22
N ARG B 49 -6.32 -9.72 9.31
CA ARG B 49 -6.89 -9.69 10.65
C ARG B 49 -7.12 -8.28 11.19
N ILE B 50 -7.05 -7.25 10.36
CA ILE B 50 -7.13 -5.86 10.80
C ILE B 50 -8.52 -5.32 10.48
N PRO B 51 -9.19 -4.65 11.41
CA PRO B 51 -10.52 -4.11 11.12
C PRO B 51 -10.48 -3.01 10.07
N THR B 52 -11.60 -2.84 9.39
CA THR B 52 -11.77 -1.79 8.40
C THR B 52 -13.23 -1.38 8.37
N LEU B 53 -13.59 -0.52 7.43
CA LEU B 53 -14.92 0.06 7.35
C LEU B 53 -15.69 -0.51 6.17
N MET B 54 -17.01 -0.39 6.24
CA MET B 54 -17.93 -0.86 5.22
C MET B 54 -18.56 0.34 4.52
N ALA B 55 -19.49 0.08 3.61
CA ALA B 55 -20.18 1.11 2.86
C ALA B 55 -21.67 0.83 2.84
N PHE B 56 -22.46 1.88 2.60
CA PHE B 56 -23.90 1.73 2.53
C PHE B 56 -24.46 2.77 1.58
N GLU B 57 -25.58 2.43 0.93
CA GLU B 57 -26.05 3.22 -0.20
C GLU B 57 -26.50 4.62 0.20
N ARG B 58 -26.96 4.80 1.43
CA ARG B 58 -27.52 6.08 1.86
C ARG B 58 -28.75 6.44 1.03
N VAL B 59 -29.55 7.38 1.52
CA VAL B 59 -30.78 7.79 0.83
C VAL B 59 -30.40 8.51 -0.46
N PRO B 60 -31.28 8.55 -1.46
CA PRO B 60 -30.97 9.19 -2.74
C PRO B 60 -31.07 10.71 -2.68
N ASP B 67 -21.82 11.10 -5.31
CA ASP B 67 -22.00 9.75 -4.76
C ASP B 67 -22.54 9.81 -3.34
N THR B 68 -23.01 8.67 -2.84
CA THR B 68 -23.51 8.58 -1.47
C THR B 68 -23.21 7.17 -0.97
N TYR B 69 -22.07 7.03 -0.32
CA TYR B 69 -21.65 5.74 0.25
C TYR B 69 -21.00 5.95 1.61
N VAL B 70 -21.66 6.75 2.46
CA VAL B 70 -21.15 7.03 3.79
C VAL B 70 -20.96 5.71 4.54
N PRO B 71 -19.93 5.58 5.36
CA PRO B 71 -19.67 4.29 6.00
C PRO B 71 -20.41 4.09 7.31
N TYR B 72 -21.44 4.88 7.57
CA TYR B 72 -22.17 4.80 8.83
C TYR B 72 -23.67 4.83 8.55
N VAL B 73 -24.44 4.41 9.55
CA VAL B 73 -25.90 4.35 9.48
C VAL B 73 -26.46 5.23 10.59
N ALA B 74 -27.43 6.06 10.24
CA ALA B 74 -28.04 7.00 11.16
C ALA B 74 -29.39 6.45 11.64
N VAL B 75 -29.62 6.51 12.95
CA VAL B 75 -30.86 5.99 13.53
C VAL B 75 -31.98 6.98 13.26
N PRO B 76 -33.10 6.55 12.66
CA PRO B 76 -34.21 7.49 12.44
C PRO B 76 -34.97 7.79 13.73
N THR B 77 -36.05 8.56 13.63
CA THR B 77 -36.85 8.89 14.80
C THR B 77 -37.97 7.87 14.98
N GLN B 78 -38.82 7.74 13.97
CA GLN B 78 -39.89 6.75 13.99
C GLN B 78 -39.55 5.59 13.07
N PHE B 79 -39.91 4.39 13.52
CA PHE B 79 -39.58 3.17 12.79
C PHE B 79 -40.83 2.42 12.36
N ASP B 80 -40.64 1.35 11.58
CA ASP B 80 -41.77 0.54 11.15
C ASP B 80 -41.29 -0.91 11.04
N ASP B 81 -41.43 -1.67 12.13
CA ASP B 81 -41.31 -3.12 12.12
C ASP B 81 -40.32 -3.64 11.09
N ARG B 82 -39.08 -3.17 11.14
CA ARG B 82 -38.12 -3.55 10.12
C ARG B 82 -36.72 -3.25 10.62
N PRO B 83 -35.73 -4.08 10.32
CA PRO B 83 -34.37 -3.79 10.81
C PRO B 83 -33.83 -2.53 10.17
N LEU B 84 -32.96 -1.84 10.91
CA LEU B 84 -32.38 -0.61 10.39
C LEU B 84 -31.52 -0.87 9.16
N ILE B 85 -30.75 -1.96 9.17
CA ILE B 85 -29.90 -2.30 8.03
C ILE B 85 -29.67 -3.80 8.06
N SER B 86 -29.66 -4.41 6.87
CA SER B 86 -29.40 -5.84 6.75
C SER B 86 -28.67 -6.08 5.43
N PHE B 87 -27.85 -7.12 5.41
CA PHE B 87 -27.04 -7.44 4.24
C PHE B 87 -26.76 -8.93 4.24
N PRO B 88 -26.51 -9.53 3.07
CA PRO B 88 -26.18 -10.95 3.04
C PRO B 88 -24.81 -11.25 3.61
N ILE B 89 -24.39 -12.51 3.55
CA ILE B 89 -23.08 -12.92 4.06
C ILE B 89 -22.25 -13.47 2.92
N THR B 90 -22.46 -12.95 1.71
CA THR B 90 -21.70 -13.34 0.54
C THR B 90 -20.56 -12.35 0.32
N LEU B 91 -19.33 -12.84 0.28
CA LEU B 91 -18.17 -11.95 0.23
C LEU B 91 -18.10 -11.14 -1.05
N SER B 92 -18.86 -11.51 -2.07
CA SER B 92 -18.91 -10.74 -3.31
C SER B 92 -19.88 -9.56 -3.22
N ASP B 93 -20.58 -9.41 -2.11
CA ASP B 93 -21.55 -8.34 -1.97
C ASP B 93 -20.84 -6.98 -2.03
N PRO B 94 -21.52 -5.94 -2.53
CA PRO B 94 -20.87 -4.62 -2.59
C PRO B 94 -20.35 -4.13 -1.24
N VAL B 95 -21.04 -4.41 -0.14
CA VAL B 95 -20.65 -3.86 1.14
C VAL B 95 -19.26 -4.33 1.55
N TYR B 96 -18.81 -5.47 1.05
CA TYR B 96 -17.51 -6.02 1.42
C TYR B 96 -16.41 -5.62 0.43
N GLN B 97 -16.71 -4.75 -0.53
CA GLN B 97 -15.77 -4.52 -1.63
C GLN B 97 -14.44 -3.99 -1.13
N ASN B 98 -14.46 -2.92 -0.35
CA ASN B 98 -13.25 -2.19 -0.01
C ASN B 98 -12.60 -2.64 1.29
N THR B 99 -13.27 -3.50 2.07
CA THR B 99 -12.64 -4.04 3.26
C THR B 99 -11.46 -4.93 2.85
N LEU B 100 -10.46 -4.99 3.73
CA LEU B 100 -9.28 -5.79 3.42
C LEU B 100 -9.65 -7.25 3.23
N VAL B 101 -10.53 -7.78 4.08
CA VAL B 101 -10.88 -9.19 3.98
C VAL B 101 -11.52 -9.49 2.64
N GLY B 102 -12.46 -8.64 2.22
CA GLY B 102 -13.12 -8.85 0.93
C GLY B 102 -12.14 -8.72 -0.22
N ALA B 103 -11.30 -7.68 -0.17
CA ALA B 103 -10.35 -7.47 -1.27
C ALA B 103 -9.41 -8.65 -1.40
N ILE B 104 -8.89 -9.16 -0.28
CA ILE B 104 -7.95 -10.27 -0.35
C ILE B 104 -8.68 -11.54 -0.80
N SER B 105 -9.85 -11.81 -0.22
CA SER B 105 -10.55 -13.05 -0.54
C SER B 105 -10.97 -13.09 -2.00
N SER B 106 -11.25 -11.94 -2.60
CA SER B 106 -11.71 -11.94 -3.98
C SER B 106 -10.70 -12.59 -4.92
N ASN B 107 -9.44 -12.67 -4.51
CA ASN B 107 -8.39 -13.27 -5.32
C ASN B 107 -8.14 -14.73 -4.99
N PHE B 108 -9.03 -15.36 -4.23
CA PHE B 108 -8.92 -16.77 -3.89
C PHE B 108 -10.27 -17.44 -4.09
N ALA B 109 -10.25 -18.76 -4.27
CA ALA B 109 -11.47 -19.50 -4.59
C ALA B 109 -12.23 -19.93 -3.33
N ASN B 110 -11.55 -20.60 -2.40
CA ASN B 110 -12.20 -21.20 -1.24
C ASN B 110 -11.75 -20.49 0.03
N TYR B 111 -12.69 -20.34 0.96
CA TYR B 111 -12.41 -19.76 2.28
C TYR B 111 -12.95 -20.69 3.36
N ARG B 112 -12.57 -20.40 4.60
CA ARG B 112 -12.97 -21.22 5.74
C ARG B 112 -12.63 -20.48 7.01
N GLY B 113 -13.58 -20.46 7.95
CA GLY B 113 -13.39 -19.81 9.22
C GLY B 113 -14.62 -19.00 9.60
N CYS B 114 -14.44 -18.11 10.58
CA CYS B 114 -15.53 -17.30 11.13
C CYS B 114 -15.26 -15.83 10.82
N ILE B 115 -16.25 -15.18 10.18
CA ILE B 115 -16.18 -13.74 10.00
C ILE B 115 -16.39 -13.05 11.34
N GLN B 116 -15.88 -11.83 11.45
CA GLN B 116 -15.99 -11.04 12.67
C GLN B 116 -16.53 -9.65 12.33
N ILE B 117 -17.49 -9.18 13.12
CA ILE B 117 -18.11 -7.88 12.94
C ILE B 117 -18.02 -7.11 14.25
N THR B 118 -17.68 -5.83 14.16
CA THR B 118 -17.54 -4.98 15.33
C THR B 118 -18.28 -3.66 15.08
N LEU B 119 -18.90 -3.13 16.12
CA LEU B 119 -19.68 -1.91 16.04
C LEU B 119 -19.17 -0.89 17.03
N THR B 120 -19.59 0.36 16.84
CA THR B 120 -19.22 1.44 17.74
C THR B 120 -20.26 2.55 17.62
N PHE B 121 -20.54 3.19 18.75
CA PHE B 121 -21.56 4.23 18.83
C PHE B 121 -20.90 5.60 18.80
N CYS B 122 -21.60 6.55 18.18
CA CYS B 122 -21.14 7.95 18.11
C CYS B 122 -22.34 8.83 18.35
N GLY B 123 -22.39 9.48 19.52
CA GLY B 123 -23.49 10.33 19.88
C GLY B 123 -23.30 10.95 21.25
N PRO B 124 -24.33 11.64 21.73
CA PRO B 124 -24.22 12.28 23.05
C PRO B 124 -23.95 11.27 24.15
N MET B 125 -23.16 11.70 25.14
CA MET B 125 -22.78 10.80 26.23
C MET B 125 -23.99 10.36 27.03
N MET B 126 -24.89 11.28 27.36
CA MET B 126 -25.96 11.02 28.33
C MET B 126 -27.20 10.41 27.71
N ALA B 127 -27.06 9.72 26.58
CA ALA B 127 -28.19 9.06 25.94
C ALA B 127 -28.24 7.59 26.38
N ARG B 128 -29.35 6.93 26.03
CA ARG B 128 -29.54 5.53 26.40
C ARG B 128 -30.35 4.83 25.32
N GLY B 129 -30.23 3.51 25.30
CA GLY B 129 -30.97 2.71 24.34
C GLY B 129 -30.52 1.26 24.44
N LYS B 130 -31.18 0.43 23.62
CA LYS B 130 -30.86 -0.99 23.56
C LYS B 130 -31.09 -1.49 22.14
N PHE B 131 -30.16 -2.31 21.65
CA PHE B 131 -30.22 -2.85 20.30
C PHE B 131 -30.18 -4.37 20.34
N LEU B 132 -30.62 -4.99 19.25
CA LEU B 132 -30.63 -6.44 19.10
C LEU B 132 -29.97 -6.82 17.78
N LEU B 133 -29.05 -7.77 17.85
CA LEU B 133 -28.33 -8.26 16.68
C LEU B 133 -28.76 -9.69 16.39
N SER B 134 -28.90 -10.02 15.11
CA SER B 134 -29.44 -11.31 14.71
C SER B 134 -28.63 -11.89 13.55
N TYR B 135 -28.67 -13.21 13.44
CA TYR B 135 -28.03 -13.92 12.34
C TYR B 135 -28.91 -15.10 11.95
N SER B 136 -29.44 -15.09 10.73
CA SER B 136 -30.39 -16.08 10.28
C SER B 136 -29.78 -16.95 9.18
N PRO B 137 -29.61 -18.25 9.40
CA PRO B 137 -29.10 -19.12 8.32
C PRO B 137 -30.04 -19.10 7.13
N PRO B 138 -29.67 -19.76 6.04
CA PRO B 138 -30.48 -19.68 4.82
C PRO B 138 -31.90 -20.17 5.06
N ASN B 139 -32.84 -19.54 4.36
CA ASN B 139 -34.24 -19.88 4.47
C ASN B 139 -34.93 -19.52 3.16
N GLY B 140 -36.23 -19.82 3.08
CA GLY B 140 -36.98 -19.49 1.89
C GLY B 140 -37.26 -18.01 1.72
N THR B 141 -37.24 -17.26 2.83
CA THR B 141 -37.52 -15.83 2.79
C THR B 141 -36.74 -15.16 3.91
N GLN B 142 -36.24 -13.96 3.64
CA GLN B 142 -35.43 -13.25 4.61
C GLN B 142 -36.29 -12.81 5.79
N PRO B 143 -35.95 -13.19 7.03
CA PRO B 143 -36.77 -12.77 8.17
C PRO B 143 -36.79 -11.26 8.31
N GLN B 144 -37.96 -10.73 8.69
CA GLN B 144 -38.14 -9.29 8.82
C GLN B 144 -38.52 -8.87 10.23
N THR B 145 -39.53 -9.50 10.83
CA THR B 145 -40.07 -9.03 12.09
C THR B 145 -39.16 -9.38 13.25
N LEU B 146 -39.24 -8.56 14.31
CA LEU B 146 -38.46 -8.81 15.51
C LEU B 146 -38.83 -10.14 16.14
N SER B 147 -40.11 -10.51 16.09
CA SER B 147 -40.53 -11.79 16.63
C SER B 147 -39.79 -12.93 15.94
N GLU B 148 -39.70 -12.88 14.63
CA GLU B 148 -38.96 -13.93 13.92
C GLU B 148 -37.51 -13.84 14.37
N ALA B 149 -36.94 -12.64 14.34
CA ALA B 149 -35.51 -12.51 14.60
C ALA B 149 -35.13 -13.12 15.95
N MET B 150 -35.99 -12.96 16.95
CA MET B 150 -35.62 -13.36 18.31
C MET B 150 -35.30 -14.85 18.41
N GLN B 151 -36.04 -15.68 17.68
CA GLN B 151 -35.85 -17.13 17.80
C GLN B 151 -34.46 -17.56 17.36
N CYS B 152 -33.96 -17.00 16.27
CA CYS B 152 -32.64 -17.35 15.78
C CYS B 152 -31.56 -16.87 16.75
N THR B 153 -30.31 -17.18 16.44
CA THR B 153 -29.20 -16.71 17.26
C THR B 153 -29.19 -15.19 17.29
N TYR B 154 -28.92 -14.63 18.46
CA TYR B 154 -29.04 -13.19 18.66
C TYR B 154 -28.33 -12.80 19.94
N SER B 155 -28.26 -11.50 20.18
CA SER B 155 -27.73 -10.95 21.42
C SER B 155 -28.24 -9.52 21.56
N ILE B 156 -28.14 -8.99 22.77
CA ILE B 156 -28.67 -7.68 23.11
C ILE B 156 -27.51 -6.76 23.48
N TRP B 157 -27.47 -5.59 22.86
CA TRP B 157 -26.43 -4.60 23.09
C TRP B 157 -27.01 -3.43 23.87
N ASP B 158 -26.32 -3.03 24.94
CA ASP B 158 -26.78 -1.99 25.83
C ASP B 158 -25.79 -0.84 25.82
N ILE B 159 -26.28 0.38 25.59
CA ILE B 159 -25.43 1.56 25.63
C ILE B 159 -24.95 1.79 27.05
N GLY B 160 -23.66 2.00 27.22
CA GLY B 160 -23.09 2.21 28.53
C GLY B 160 -21.75 2.89 28.45
N LEU B 161 -20.88 2.55 29.40
CA LEU B 161 -19.54 3.14 29.41
C LEU B 161 -18.74 2.75 28.17
N ASN B 162 -18.85 1.49 27.75
CA ASN B 162 -18.17 1.01 26.56
C ASN B 162 -19.13 1.04 25.38
N SER B 163 -18.70 1.70 24.29
CA SER B 163 -19.56 1.96 23.15
C SER B 163 -19.32 1.02 21.99
N SER B 164 -18.52 -0.03 22.19
CA SER B 164 -18.16 -0.94 21.11
C SER B 164 -18.56 -2.36 21.47
N TRP B 165 -18.91 -3.13 20.44
CA TRP B 165 -19.37 -4.50 20.61
C TRP B 165 -18.97 -5.31 19.38
N THR B 166 -18.62 -6.57 19.60
CA THR B 166 -18.20 -7.47 18.54
C THR B 166 -19.18 -8.62 18.42
N PHE B 167 -19.63 -8.90 17.20
CA PHE B 167 -20.56 -9.98 16.92
C PHE B 167 -19.86 -10.98 16.01
N VAL B 168 -19.75 -12.22 16.47
CA VAL B 168 -19.06 -13.27 15.74
C VAL B 168 -20.09 -14.12 15.02
N VAL B 169 -19.92 -14.26 13.71
CA VAL B 169 -20.85 -15.01 12.87
C VAL B 169 -20.37 -16.47 12.85
N PRO B 170 -21.12 -17.42 13.38
CA PRO B 170 -20.68 -18.81 13.34
C PRO B 170 -20.63 -19.33 11.91
N TYR B 171 -19.76 -20.33 11.70
CA TYR B 171 -19.59 -20.95 10.40
C TYR B 171 -20.29 -22.30 10.42
N ILE B 172 -21.39 -22.41 9.68
CA ILE B 172 -22.10 -23.66 9.49
C ILE B 172 -22.37 -23.84 8.01
N SER B 173 -22.02 -25.01 7.48
CA SER B 173 -22.20 -25.27 6.06
C SER B 173 -22.15 -26.78 5.83
N PRO B 174 -22.74 -27.27 4.74
CA PRO B 174 -22.71 -28.70 4.46
C PRO B 174 -21.39 -29.21 3.91
N SER B 175 -20.43 -28.34 3.63
CA SER B 175 -19.14 -28.73 3.08
C SER B 175 -18.03 -28.07 3.88
N ASP B 176 -16.87 -28.71 3.87
CA ASP B 176 -15.75 -28.20 4.67
C ASP B 176 -15.35 -26.80 4.22
N TYR B 177 -15.28 -26.57 2.92
CA TYR B 177 -14.93 -25.27 2.36
C TYR B 177 -16.14 -24.65 1.68
N ARG B 178 -16.01 -23.37 1.33
CA ARG B 178 -17.09 -22.65 0.68
C ARG B 178 -16.51 -21.75 -0.40
N GLU B 179 -17.30 -21.51 -1.44
CA GLU B 179 -16.88 -20.64 -2.52
C GLU B 179 -16.84 -19.19 -2.06
N THR B 180 -15.98 -18.40 -2.70
CA THR B 180 -15.78 -17.02 -2.29
C THR B 180 -16.66 -16.04 -3.05
N ARG B 181 -17.00 -16.31 -4.30
CA ARG B 181 -17.88 -15.45 -5.08
C ARG B 181 -19.10 -16.24 -5.52
N ALA B 182 -20.26 -15.58 -5.46
CA ALA B 182 -21.53 -16.23 -5.74
C ALA B 182 -22.04 -15.81 -7.11
N ILE B 183 -22.51 -16.79 -7.89
CA ILE B 183 -23.12 -16.55 -9.19
C ILE B 183 -24.56 -17.08 -9.23
N THR B 184 -24.76 -18.32 -8.80
CA THR B 184 -26.08 -18.92 -8.73
C THR B 184 -26.72 -18.78 -7.36
N ASN B 185 -26.01 -18.25 -6.36
CA ASN B 185 -26.52 -18.14 -5.01
C ASN B 185 -26.85 -19.50 -4.41
N SER B 186 -26.10 -20.52 -4.79
CA SER B 186 -26.32 -21.86 -4.27
C SER B 186 -25.97 -21.91 -2.79
N VAL B 187 -26.37 -23.02 -2.14
CA VAL B 187 -26.10 -23.18 -0.72
C VAL B 187 -24.60 -23.18 -0.43
N TYR B 188 -23.77 -23.36 -1.45
CA TYR B 188 -22.33 -23.41 -1.24
C TYR B 188 -21.70 -22.03 -1.12
N SER B 189 -22.40 -20.96 -1.48
CA SER B 189 -21.87 -19.61 -1.38
C SER B 189 -22.64 -18.77 -0.37
N ALA B 190 -23.96 -18.63 -0.54
CA ALA B 190 -24.74 -17.84 0.39
C ALA B 190 -24.82 -18.54 1.74
N ASP B 191 -24.88 -17.74 2.81
CA ASP B 191 -24.94 -18.29 4.16
C ASP B 191 -25.88 -17.50 5.06
N GLY B 192 -26.94 -16.94 4.49
CA GLY B 192 -27.94 -16.26 5.28
C GLY B 192 -27.82 -14.74 5.27
N TRP B 193 -28.29 -14.10 6.33
CA TRP B 193 -28.30 -12.65 6.40
C TRP B 193 -27.96 -12.19 7.80
N PHE B 194 -27.67 -10.90 7.92
CA PHE B 194 -27.41 -10.23 9.18
C PHE B 194 -28.29 -8.99 9.23
N SER B 195 -28.77 -8.64 10.42
CA SER B 195 -29.70 -7.52 10.55
C SER B 195 -29.53 -6.87 11.91
N LEU B 196 -29.99 -5.62 12.00
CA LEU B 196 -29.93 -4.84 13.22
C LEU B 196 -31.32 -4.28 13.51
N HIS B 197 -31.80 -4.50 14.73
CA HIS B 197 -33.13 -4.09 15.15
C HIS B 197 -33.03 -3.23 16.41
N LYS B 198 -33.83 -2.17 16.45
CA LYS B 198 -33.89 -1.28 17.60
C LYS B 198 -34.93 -1.84 18.59
N LEU B 199 -34.45 -2.40 19.69
CA LEU B 199 -35.34 -2.99 20.67
C LEU B 199 -36.16 -1.91 21.38
N THR B 200 -35.49 -0.86 21.84
CA THR B 200 -36.13 0.23 22.54
C THR B 200 -36.07 1.50 21.71
N LYS B 201 -36.48 2.63 22.29
CA LYS B 201 -36.39 3.94 21.67
C LYS B 201 -35.28 4.73 22.33
N ILE B 202 -34.38 5.28 21.52
CA ILE B 202 -33.21 5.98 22.07
C ILE B 202 -33.65 7.29 22.71
N THR B 203 -33.20 7.52 23.93
CA THR B 203 -33.56 8.70 24.71
C THR B 203 -32.46 9.75 24.54
N LEU B 204 -32.73 10.77 23.75
CA LEU B 204 -31.78 11.85 23.55
C LEU B 204 -31.86 12.83 24.72
N PRO B 205 -30.76 13.09 25.42
CA PRO B 205 -30.83 14.03 26.55
C PRO B 205 -31.11 15.44 26.07
N PRO B 206 -31.65 16.30 26.93
CA PRO B 206 -31.97 17.66 26.50
C PRO B 206 -30.73 18.41 26.05
N ASP B 207 -30.89 19.25 25.04
CA ASP B 207 -29.89 20.12 24.45
C ASP B 207 -28.92 19.35 23.56
N CYS B 208 -29.01 18.02 23.49
CA CYS B 208 -28.24 17.25 22.51
C CYS B 208 -29.10 17.04 21.28
N PRO B 209 -28.71 17.52 20.10
CA PRO B 209 -29.69 17.80 19.06
C PRO B 209 -30.53 16.61 18.62
N GLN B 210 -29.93 15.58 18.01
CA GLN B 210 -30.69 14.42 17.58
C GLN B 210 -29.83 13.40 16.82
N SER B 211 -30.41 12.23 16.53
CA SER B 211 -29.93 11.35 15.47
C SER B 211 -28.47 10.93 15.63
N PRO B 212 -28.15 10.06 16.57
CA PRO B 212 -26.79 9.54 16.65
C PRO B 212 -26.43 8.69 15.44
N CYS B 213 -25.20 8.21 15.37
CA CYS B 213 -24.72 7.42 14.24
C CYS B 213 -23.96 6.21 14.76
N ILE B 214 -23.89 5.18 13.92
CA ILE B 214 -23.23 3.92 14.25
C ILE B 214 -22.21 3.60 13.17
N LEU B 215 -21.03 3.16 13.59
CA LEU B 215 -19.95 2.79 12.69
C LEU B 215 -19.78 1.28 12.66
N PHE B 216 -19.58 0.73 11.47
CA PHE B 216 -19.45 -0.70 11.27
C PHE B 216 -17.99 -1.06 11.04
N PHE B 217 -17.49 -2.03 11.79
CA PHE B 217 -16.13 -2.53 11.65
C PHE B 217 -16.16 -4.02 11.37
N ALA B 218 -15.49 -4.44 10.30
CA ALA B 218 -15.46 -5.83 9.90
C ALA B 218 -14.01 -6.28 9.73
N SER B 219 -13.79 -7.58 9.93
CA SER B 219 -12.46 -8.16 9.83
C SER B 219 -12.62 -9.67 9.74
N ALA B 220 -11.52 -10.39 9.82
CA ALA B 220 -11.52 -11.85 9.79
C ALA B 220 -11.31 -12.40 11.19
N GLY B 221 -11.84 -13.59 11.42
CA GLY B 221 -11.70 -14.25 12.69
C GLY B 221 -10.30 -14.79 12.89
N GLU B 222 -10.13 -15.49 14.01
CA GLU B 222 -8.82 -16.07 14.32
C GLU B 222 -8.57 -17.38 13.61
N ASP B 223 -9.60 -17.99 13.02
CA ASP B 223 -9.46 -19.27 12.32
C ASP B 223 -9.84 -19.13 10.84
N TYR B 224 -9.57 -17.98 10.25
CA TYR B 224 -9.84 -17.78 8.83
C TYR B 224 -8.80 -18.53 8.00
N THR B 225 -9.10 -18.71 6.72
CA THR B 225 -8.17 -19.43 5.84
C THR B 225 -8.64 -19.30 4.40
N LEU B 226 -7.67 -19.30 3.49
CA LEU B 226 -7.92 -19.27 2.05
C LEU B 226 -7.02 -20.30 1.38
N ARG B 227 -7.50 -20.90 0.29
CA ARG B 227 -6.84 -22.06 -0.28
C ARG B 227 -6.29 -21.84 -1.69
N LEU B 228 -7.11 -21.47 -2.66
CA LEU B 228 -6.71 -21.55 -4.06
C LEU B 228 -6.53 -20.17 -4.67
N PRO B 229 -5.33 -19.80 -5.12
CA PRO B 229 -5.18 -18.53 -5.83
C PRO B 229 -5.87 -18.54 -7.18
N VAL B 230 -6.21 -17.34 -7.66
CA VAL B 230 -6.82 -17.18 -8.98
C VAL B 230 -6.32 -15.88 -9.61
N ASP B 231 -6.80 -15.58 -10.82
CA ASP B 231 -6.42 -14.36 -11.51
C ASP B 231 -7.14 -13.16 -10.90
N CYS B 232 -6.66 -11.97 -11.24
CA CYS B 232 -7.19 -10.72 -10.70
C CYS B 232 -8.06 -10.02 -11.73
N ASN B 233 -8.70 -8.93 -11.28
CA ASN B 233 -9.51 -8.08 -12.15
C ASN B 233 -8.81 -6.75 -12.33
N PRO B 234 -8.37 -6.39 -13.53
CA PRO B 234 -7.67 -5.11 -13.70
C PRO B 234 -8.60 -3.92 -13.87
N SER B 235 -9.87 -4.09 -13.50
CA SER B 235 -10.85 -3.04 -13.73
C SER B 235 -10.45 -1.73 -13.07
N TYR B 236 -9.70 -1.80 -11.96
CA TYR B 236 -9.36 -0.58 -11.22
C TYR B 236 -8.52 0.37 -12.05
N VAL B 237 -7.89 -0.11 -13.14
CA VAL B 237 -7.08 0.77 -13.98
C VAL B 237 -7.92 1.63 -14.90
N PHE B 238 -9.22 1.38 -15.00
CA PHE B 238 -10.08 2.17 -15.86
C PHE B 238 -11.15 2.88 -15.04
N ARG C 1 -5.46 6.88 34.06
CA ARG C 1 -5.96 7.82 33.06
C ARG C 1 -5.31 9.20 33.23
N VAL C 2 -4.41 9.33 34.20
CA VAL C 2 -3.68 10.57 34.44
C VAL C 2 -2.19 10.22 34.46
N THR C 3 -1.46 10.77 33.50
CA THR C 3 -0.03 10.52 33.41
C THR C 3 0.65 11.70 32.72
N THR C 4 1.96 11.82 32.95
CA THR C 4 2.75 12.89 32.37
C THR C 4 4.09 12.33 31.92
N GLN C 5 4.56 12.76 30.76
CA GLN C 5 5.84 12.36 30.21
C GLN C 5 6.78 13.57 30.19
N THR C 6 7.95 13.42 30.79
CA THR C 6 8.92 14.50 30.93
C THR C 6 10.11 14.24 30.03
N ALA C 7 10.54 15.27 29.30
CA ALA C 7 11.69 15.16 28.40
C ALA C 7 12.39 16.50 28.34
N GLY C 8 13.71 16.48 28.48
CA GLY C 8 14.46 17.72 28.46
C GLY C 8 14.00 18.67 29.54
N ASN C 9 13.74 19.92 29.17
CA ASN C 9 13.24 20.93 30.08
C ASN C 9 11.75 21.17 29.92
N THR C 10 11.05 20.32 29.18
CA THR C 10 9.62 20.48 28.93
C THR C 10 8.90 19.20 29.29
N ALA C 11 7.61 19.34 29.62
CA ALA C 11 6.78 18.22 30.01
C ALA C 11 5.38 18.40 29.42
N ILE C 12 4.64 17.29 29.36
CA ILE C 12 3.28 17.28 28.84
C ILE C 12 2.41 16.51 29.81
N ASN C 13 1.18 16.97 30.00
CA ASN C 13 0.23 16.37 30.92
C ASN C 13 -0.97 15.84 30.14
N THR C 14 -1.57 14.77 30.66
CA THR C 14 -2.73 14.14 30.03
C THR C 14 -3.75 13.83 31.11
N GLN C 15 -4.88 14.56 31.10
CA GLN C 15 -5.95 14.26 32.05
C GLN C 15 -6.62 12.93 31.72
N SER C 16 -6.63 12.54 30.45
CA SER C 16 -7.14 11.25 30.01
C SER C 16 -6.14 10.62 29.05
N SER C 17 -5.98 9.31 29.14
CA SER C 17 -5.04 8.60 28.26
C SER C 17 -5.27 7.10 28.33
N LEU C 18 -5.23 6.44 27.17
CA LEU C 18 -5.35 4.99 27.10
C LEU C 18 -4.01 4.29 27.10
N GLY C 19 -2.94 4.96 26.70
CA GLY C 19 -1.62 4.39 26.61
C GLY C 19 -0.89 4.97 25.44
N VAL C 20 0.18 4.29 25.03
CA VAL C 20 0.99 4.69 23.89
C VAL C 20 1.06 3.51 22.92
N LEU C 21 0.76 3.77 21.66
CA LEU C 21 0.86 2.74 20.64
C LEU C 21 2.29 2.65 20.15
N CYS C 22 2.85 1.44 20.18
CA CYS C 22 4.26 1.23 19.91
C CYS C 22 4.57 0.86 18.47
N ALA C 23 3.58 0.85 17.60
CA ALA C 23 3.81 0.65 16.16
C ALA C 23 4.46 -0.73 15.95
N TYR C 24 5.32 -0.84 14.95
CA TYR C 24 5.68 -2.15 14.41
C TYR C 24 6.43 -3.00 15.44
N VAL C 25 7.38 -2.42 16.15
CA VAL C 25 8.25 -3.18 17.03
C VAL C 25 8.20 -2.62 18.43
N GLU C 26 8.49 -3.48 19.40
CA GLU C 26 8.58 -3.05 20.79
C GLU C 26 9.84 -2.23 21.01
N ASP C 27 9.73 -1.20 21.84
CA ASP C 27 10.85 -0.33 22.17
C ASP C 27 11.40 0.31 20.89
N PRO C 28 10.66 1.22 20.27
CA PRO C 28 11.18 1.89 19.06
C PRO C 28 12.43 2.72 19.34
N THR C 29 12.73 3.04 20.60
CA THR C 29 13.86 3.91 20.89
C THR C 29 15.18 3.31 20.43
N LYS C 30 15.35 2.00 20.55
CA LYS C 30 16.62 1.37 20.19
C LYS C 30 16.95 1.64 18.73
N SER C 31 18.23 1.90 18.46
CA SER C 31 18.70 2.16 17.11
C SER C 31 20.22 2.08 17.11
N ASP C 32 20.79 2.08 15.91
CA ASP C 32 22.22 1.97 15.70
C ASP C 32 22.64 2.96 14.64
N PRO C 33 23.92 3.36 14.61
CA PRO C 33 24.36 4.32 13.60
C PRO C 33 24.28 3.72 12.21
N PRO C 34 24.14 4.55 11.17
CA PRO C 34 24.03 4.01 9.81
C PRO C 34 25.29 3.27 9.39
N SER C 35 25.27 2.72 8.17
CA SER C 35 26.42 2.00 7.64
C SER C 35 26.86 2.48 6.27
N SER C 36 26.23 3.51 5.71
CA SER C 36 26.58 4.04 4.40
C SER C 36 27.47 5.26 4.48
N SER C 37 28.32 5.35 5.49
CA SER C 37 29.24 6.47 5.62
C SER C 37 30.22 6.16 6.75
N THR C 38 31.32 6.90 6.78
CA THR C 38 32.41 6.66 7.71
C THR C 38 32.60 7.81 8.70
N ASP C 39 32.41 9.05 8.28
CA ASP C 39 32.63 10.18 9.16
C ASP C 39 31.80 10.04 10.43
N GLN C 40 32.41 10.39 11.56
CA GLN C 40 31.73 10.22 12.84
C GLN C 40 30.45 11.04 12.86
N PRO C 41 29.37 10.50 13.41
CA PRO C 41 28.09 11.23 13.41
C PRO C 41 27.90 12.07 14.67
N THR C 42 26.89 12.93 14.61
CA THR C 42 26.45 13.70 15.76
C THR C 42 25.20 13.06 16.35
N THR C 43 25.13 13.00 17.67
CA THR C 43 24.07 12.29 18.36
C THR C 43 23.22 13.26 19.17
N THR C 44 22.32 12.71 19.98
CA THR C 44 21.36 13.52 20.71
C THR C 44 22.04 14.33 21.81
N PHE C 45 21.41 15.45 22.17
CA PHE C 45 21.83 16.23 23.31
C PHE C 45 20.63 17.03 23.82
N THR C 46 20.80 17.60 25.02
CA THR C 46 19.68 18.20 25.73
C THR C 46 19.02 19.31 24.92
N ALA C 47 19.80 20.05 24.13
CA ALA C 47 19.23 21.18 23.39
C ALA C 47 18.09 20.72 22.48
N ILE C 48 18.21 19.53 21.90
CA ILE C 48 17.18 19.03 20.98
C ILE C 48 16.31 17.96 21.59
N ASP C 49 16.67 17.43 22.77
CA ASP C 49 15.86 16.40 23.42
C ASP C 49 14.71 17.08 24.18
N ARG C 50 13.72 17.55 23.43
CA ARG C 50 12.56 18.18 24.03
C ARG C 50 11.43 18.22 23.00
N TRP C 51 10.25 18.65 23.45
CA TRP C 51 9.05 18.65 22.63
C TRP C 51 8.96 19.94 21.82
N TYR C 52 8.00 19.97 20.91
CA TYR C 52 7.64 21.17 20.17
C TYR C 52 6.13 21.15 19.93
N THR C 53 5.57 22.33 19.69
CA THR C 53 4.12 22.49 19.60
C THR C 53 3.74 23.35 18.42
N GLY C 54 2.53 23.11 17.90
CA GLY C 54 2.00 23.85 16.78
C GLY C 54 0.49 23.93 16.80
N ARG C 55 -0.11 24.47 15.74
CA ARG C 55 -1.55 24.65 15.67
C ARG C 55 -2.06 24.24 14.30
N LEU C 56 -3.33 23.86 14.25
CA LEU C 56 -4.02 23.48 13.02
C LEU C 56 -5.25 24.36 12.83
N ASN C 57 -5.93 24.15 11.70
CA ASN C 57 -7.15 24.88 11.43
C ASN C 57 -8.27 24.41 12.34
N SER C 58 -9.33 25.22 12.43
CA SER C 58 -10.46 24.90 13.28
C SER C 58 -11.39 23.92 12.58
N TRP C 59 -12.31 23.36 13.36
CA TRP C 59 -13.29 22.39 12.89
C TRP C 59 -14.66 23.05 12.88
N THR C 60 -15.30 23.08 11.72
CA THR C 60 -16.58 23.75 11.55
C THR C 60 -17.59 22.77 10.98
N LYS C 61 -18.87 23.02 11.27
CA LYS C 61 -19.94 22.14 10.81
C LYS C 61 -19.94 21.99 9.30
N ALA C 62 -19.53 23.05 8.57
CA ALA C 62 -19.59 23.00 7.12
C ALA C 62 -18.76 21.85 6.55
N VAL C 63 -17.71 21.44 7.26
CA VAL C 63 -16.87 20.36 6.76
C VAL C 63 -17.70 19.10 6.60
N LYS C 64 -17.46 18.37 5.52
CA LYS C 64 -18.18 17.15 5.20
C LYS C 64 -17.31 15.94 5.50
N THR C 65 -17.81 14.76 5.15
CA THR C 65 -17.11 13.52 5.46
C THR C 65 -15.84 13.37 4.62
N PHE C 66 -14.83 12.78 5.23
CA PHE C 66 -13.56 12.34 4.65
C PHE C 66 -12.60 13.49 4.37
N SER C 67 -12.97 14.75 4.60
CA SER C 67 -12.00 15.82 4.45
C SER C 67 -10.83 15.59 5.41
N PHE C 68 -9.69 16.18 5.08
CA PHE C 68 -8.47 15.84 5.80
C PHE C 68 -7.48 16.98 5.70
N GLN C 69 -6.48 16.93 6.59
CA GLN C 69 -5.32 17.80 6.55
C GLN C 69 -4.08 16.96 6.78
N ALA C 70 -2.95 17.42 6.24
CA ALA C 70 -1.70 16.68 6.31
C ALA C 70 -0.57 17.61 6.75
N VAL C 71 0.40 17.03 7.45
CA VAL C 71 1.56 17.77 7.94
C VAL C 71 2.81 16.92 7.70
N PRO C 72 3.56 17.16 6.63
CA PRO C 72 4.75 16.33 6.38
C PRO C 72 5.79 16.50 7.48
N LEU C 73 6.54 15.43 7.72
CA LEU C 73 7.65 15.46 8.66
C LEU C 73 8.92 14.97 7.98
N PRO C 74 10.07 15.64 8.19
CA PRO C 74 10.30 16.83 9.00
C PRO C 74 10.07 18.11 8.22
N GLY C 75 9.50 18.02 7.01
CA GLY C 75 9.30 19.20 6.19
C GLY C 75 8.52 20.29 6.87
N ALA C 76 7.70 19.94 7.86
CA ALA C 76 6.98 20.97 8.62
C ALA C 76 7.96 21.91 9.32
N PHE C 77 9.02 21.36 9.91
CA PHE C 77 10.02 22.20 10.56
C PHE C 77 10.60 23.20 9.57
N LEU C 78 11.01 22.73 8.40
CA LEU C 78 11.63 23.61 7.41
C LEU C 78 10.66 24.67 6.93
N SER C 79 9.40 24.28 6.67
CA SER C 79 8.43 25.21 6.14
C SER C 79 7.84 26.13 7.19
N ARG C 80 8.05 25.85 8.47
CA ARG C 80 7.47 26.66 9.56
C ARG C 80 5.95 26.68 9.47
N GLN C 81 5.37 25.55 9.06
CA GLN C 81 3.92 25.46 8.92
C GLN C 81 3.25 25.50 10.28
N GLY C 82 2.08 26.12 10.34
CA GLY C 82 1.30 26.15 11.56
C GLY C 82 2.00 26.82 12.73
N GLY C 83 3.02 27.63 12.46
CA GLY C 83 3.74 28.31 13.51
C GLY C 83 4.78 27.46 14.21
N LEU C 84 4.93 26.20 13.83
CA LEU C 84 5.95 25.35 14.44
C LEU C 84 7.34 25.91 14.15
N ASN C 85 8.16 25.99 15.19
CA ASN C 85 9.51 26.55 15.10
C ASN C 85 10.47 25.60 15.78
N GLY C 86 11.28 24.90 14.98
CA GLY C 86 12.17 23.89 15.53
C GLY C 86 13.32 24.44 16.35
N GLY C 87 13.71 25.69 16.10
CA GLY C 87 14.80 26.29 16.83
C GLY C 87 16.12 25.56 16.66
N ALA C 88 16.60 24.95 17.73
CA ALA C 88 17.89 24.25 17.68
C ALA C 88 17.84 23.09 16.70
N PHE C 89 16.75 22.34 16.68
CA PHE C 89 16.64 21.23 15.76
C PHE C 89 16.71 21.70 14.32
N THR C 90 15.98 22.77 13.98
CA THR C 90 16.04 23.30 12.63
C THR C 90 17.44 23.79 12.28
N ALA C 91 18.08 24.49 13.22
CA ALA C 91 19.42 25.00 12.95
C ALA C 91 20.39 23.87 12.67
N THR C 92 20.33 22.79 13.45
CA THR C 92 21.20 21.66 13.21
C THR C 92 20.85 20.96 11.90
N LEU C 93 19.56 20.89 11.57
CA LEU C 93 19.16 20.24 10.32
C LEU C 93 19.72 20.99 9.12
N HIS C 94 19.66 22.31 9.13
CA HIS C 94 20.12 23.06 7.98
C HIS C 94 21.64 22.95 7.77
N ARG C 95 22.37 22.42 8.73
CA ARG C 95 23.83 22.31 8.64
C ARG C 95 24.28 20.86 8.58
N HIS C 96 23.53 20.02 7.87
CA HIS C 96 23.91 18.63 7.71
C HIS C 96 23.27 18.08 6.45
N PHE C 97 23.83 16.97 5.97
CA PHE C 97 23.42 16.36 4.72
C PHE C 97 22.65 15.05 4.90
N LEU C 98 22.99 14.27 5.92
CA LEU C 98 22.37 12.98 6.17
C LEU C 98 21.76 12.98 7.56
N MET C 99 20.56 12.40 7.68
CA MET C 99 19.87 12.34 8.96
C MET C 99 19.10 11.03 9.07
N LYS C 100 18.84 10.63 10.32
CA LYS C 100 18.08 9.43 10.62
C LYS C 100 17.50 9.57 12.01
N CYS C 101 16.19 9.44 12.14
CA CYS C 101 15.57 9.60 13.45
C CYS C 101 14.18 8.99 13.43
N GLY C 102 13.66 8.73 14.64
CA GLY C 102 12.28 8.33 14.80
C GLY C 102 11.39 9.52 15.04
N TRP C 103 10.17 9.24 15.49
CA TRP C 103 9.20 10.29 15.76
C TRP C 103 8.27 9.83 16.87
N GLN C 104 7.63 10.79 17.51
CA GLN C 104 6.73 10.53 18.62
C GLN C 104 5.85 11.76 18.79
N VAL C 105 4.56 11.64 18.47
CA VAL C 105 3.67 12.78 18.41
C VAL C 105 2.41 12.50 19.23
N GLN C 106 1.70 13.58 19.54
CA GLN C 106 0.44 13.51 20.27
C GLN C 106 -0.45 14.64 19.80
N VAL C 107 -1.75 14.36 19.70
CA VAL C 107 -2.73 15.33 19.24
C VAL C 107 -3.84 15.45 20.27
N GLN C 108 -4.30 16.67 20.51
CA GLN C 108 -5.31 16.95 21.53
C GLN C 108 -6.43 17.79 20.94
N CYS C 109 -7.62 17.65 21.51
CA CYS C 109 -8.78 18.44 21.12
C CYS C 109 -9.58 18.76 22.37
N ASN C 110 -10.49 19.72 22.22
CA ASN C 110 -11.27 20.25 23.34
C ASN C 110 -12.76 19.95 23.17
N LEU C 111 -13.08 18.73 22.75
CA LEU C 111 -14.48 18.35 22.61
C LEU C 111 -15.13 18.18 23.98
N THR C 112 -16.40 18.55 24.07
CA THR C 112 -17.18 18.43 25.29
C THR C 112 -18.31 17.42 25.09
N GLN C 113 -18.88 16.97 26.21
CA GLN C 113 -19.92 15.95 26.13
C GLN C 113 -21.14 16.42 25.35
N PHE C 114 -21.31 17.72 25.16
CA PHE C 114 -22.46 18.26 24.43
C PHE C 114 -22.19 18.37 22.94
N HIS C 115 -21.27 17.58 22.41
CA HIS C 115 -20.97 17.55 20.99
C HIS C 115 -20.92 16.10 20.52
N GLN C 116 -21.26 15.90 19.24
CA GLN C 116 -21.20 14.59 18.62
C GLN C 116 -20.31 14.64 17.39
N GLY C 117 -19.48 13.64 17.24
CA GLY C 117 -18.57 13.58 16.11
C GLY C 117 -17.47 12.58 16.37
N ALA C 118 -16.59 12.46 15.38
CA ALA C 118 -15.46 11.54 15.48
C ALA C 118 -14.32 12.04 14.60
N LEU C 119 -13.10 11.73 15.02
CA LEU C 119 -11.90 12.08 14.28
C LEU C 119 -10.97 10.88 14.26
N LEU C 120 -10.20 10.78 13.18
CA LEU C 120 -9.26 9.69 12.98
C LEU C 120 -7.90 10.26 12.62
N VAL C 121 -6.87 9.84 13.34
CA VAL C 121 -5.51 10.31 13.13
C VAL C 121 -4.60 9.12 12.93
N ALA C 122 -3.75 9.17 11.90
CA ALA C 122 -2.86 8.06 11.60
C ALA C 122 -1.58 8.59 10.96
N MET C 123 -0.54 7.77 11.05
CA MET C 123 0.79 8.10 10.51
C MET C 123 0.98 7.33 9.21
N VAL C 124 0.52 7.90 8.10
CA VAL C 124 0.65 7.28 6.79
C VAL C 124 2.10 7.37 6.32
N PRO C 125 2.78 6.27 6.01
CA PRO C 125 4.16 6.37 5.54
C PRO C 125 4.27 6.52 4.03
N GLU C 126 5.25 7.31 3.61
CA GLU C 126 5.63 7.44 2.21
C GLU C 126 4.43 7.88 1.35
N THR C 127 3.98 9.10 1.62
CA THR C 127 2.87 9.69 0.89
C THR C 127 3.20 11.12 0.50
N THR C 128 2.47 11.64 -0.48
CA THR C 128 2.65 13.01 -0.96
C THR C 128 1.28 13.65 -1.11
N LEU C 129 0.87 14.41 -0.10
CA LEU C 129 -0.34 15.20 -0.14
C LEU C 129 -0.09 16.71 -0.10
N ASP C 130 1.05 17.12 0.44
CA ASP C 130 1.35 18.55 0.55
C ASP C 130 1.48 19.20 -0.82
N VAL C 131 2.08 18.50 -1.78
CA VAL C 131 2.41 19.11 -3.06
C VAL C 131 1.13 19.35 -3.86
N LYS C 132 1.08 20.48 -4.56
CA LYS C 132 -0.01 20.71 -5.50
C LYS C 132 0.16 19.80 -6.71
N PRO C 133 -0.92 19.54 -7.46
CA PRO C 133 -0.78 18.72 -8.66
C PRO C 133 0.21 19.29 -9.66
N ASP C 134 0.39 20.61 -9.67
CA ASP C 134 1.33 21.25 -10.58
C ASP C 134 2.74 20.75 -10.34
N GLY C 135 3.06 20.39 -9.09
CA GLY C 135 4.38 19.93 -8.73
C GLY C 135 5.13 20.93 -7.88
N LYS C 136 4.41 21.64 -7.02
CA LYS C 136 5.00 22.64 -6.14
C LYS C 136 4.35 22.51 -4.78
N ALA C 137 5.15 22.61 -3.72
CA ALA C 137 4.64 22.47 -2.37
C ALA C 137 3.61 23.56 -2.08
N LYS C 138 2.59 23.21 -1.29
CA LYS C 138 1.53 24.13 -0.94
C LYS C 138 2.07 25.19 0.00
N SER C 139 1.90 26.45 -0.37
CA SER C 139 2.42 27.55 0.42
C SER C 139 1.56 27.79 1.65
N LEU C 140 2.15 28.46 2.65
CA LEU C 140 1.43 28.77 3.88
C LEU C 140 0.23 29.67 3.63
N GLN C 141 0.35 30.65 2.73
CA GLN C 141 -0.78 31.51 2.40
C GLN C 141 -1.89 30.71 1.71
N GLU C 142 -1.51 29.81 0.80
CA GLU C 142 -2.51 29.01 0.10
C GLU C 142 -3.20 28.04 1.05
N LEU C 143 -2.48 27.58 2.08
CA LEU C 143 -3.04 26.63 3.03
C LEU C 143 -4.09 27.23 3.95
N ASN C 144 -4.27 28.56 3.92
CA ASN C 144 -5.19 29.22 4.86
C ASN C 144 -6.60 29.31 4.28
N GLU C 145 -6.73 29.79 3.04
CA GLU C 145 -8.03 29.94 2.43
C GLU C 145 -8.82 28.64 2.51
N GLU C 146 -8.23 27.56 2.02
CA GLU C 146 -8.81 26.23 2.18
C GLU C 146 -8.32 25.64 3.49
N GLN C 147 -9.22 25.54 4.47
CA GLN C 147 -8.83 25.03 5.78
C GLN C 147 -8.70 23.51 5.76
N TRP C 148 -9.60 22.82 5.08
CA TRP C 148 -9.58 21.38 4.95
C TRP C 148 -9.56 20.98 3.48
N VAL C 149 -8.85 19.90 3.20
CA VAL C 149 -8.76 19.38 1.84
C VAL C 149 -10.01 18.57 1.54
N GLU C 150 -10.59 18.81 0.37
CA GLU C 150 -11.82 18.15 -0.04
C GLU C 150 -11.48 16.84 -0.75
N MET C 151 -11.98 15.73 -0.22
CA MET C 151 -11.79 14.45 -0.89
C MET C 151 -12.51 14.45 -2.22
N SER C 152 -11.92 13.77 -3.20
CA SER C 152 -12.50 13.75 -4.54
C SER C 152 -12.01 12.50 -5.28
N ASP C 153 -12.69 12.20 -6.38
CA ASP C 153 -12.35 11.02 -7.16
C ASP C 153 -10.90 11.08 -7.63
N ASP C 154 -10.40 12.27 -7.94
CA ASP C 154 -9.01 12.38 -8.38
C ASP C 154 -8.07 11.88 -7.30
N TYR C 155 -8.23 12.37 -6.07
CA TYR C 155 -7.37 11.90 -4.99
C TYR C 155 -7.58 10.42 -4.73
N ARG C 156 -8.82 9.96 -4.80
CA ARG C 156 -9.11 8.54 -4.55
C ARG C 156 -8.36 7.66 -5.55
N THR C 157 -8.30 8.09 -6.82
CA THR C 157 -7.64 7.33 -7.86
C THR C 157 -6.14 7.61 -7.94
N GLY C 158 -5.64 8.62 -7.23
CA GLY C 158 -4.24 8.98 -7.37
C GLY C 158 -3.89 9.44 -8.77
N LYS C 159 -4.81 10.11 -9.44
CA LYS C 159 -4.67 10.50 -10.83
C LYS C 159 -4.03 11.87 -11.03
N ASN C 160 -3.72 12.59 -9.93
CA ASN C 160 -3.28 13.97 -10.03
C ASN C 160 -1.99 14.23 -9.27
N MET C 161 -1.17 13.22 -9.05
CA MET C 161 0.12 13.41 -8.42
C MET C 161 1.10 14.03 -9.40
N PRO C 162 2.23 14.56 -8.93
CA PRO C 162 3.19 15.20 -9.84
C PRO C 162 3.68 14.22 -10.90
N PHE C 163 3.95 14.76 -12.09
CA PHE C 163 4.38 13.95 -13.22
C PHE C 163 5.32 14.80 -14.09
N GLN C 164 5.84 14.16 -15.14
CA GLN C 164 6.75 14.79 -16.08
C GLN C 164 6.08 14.92 -17.44
N SER C 165 6.06 16.14 -17.99
CA SER C 165 5.50 16.34 -19.32
C SER C 165 6.38 15.67 -20.36
N LEU C 166 5.75 14.97 -21.31
CA LEU C 166 6.50 14.21 -22.30
C LEU C 166 7.19 15.13 -23.29
N GLY C 167 6.46 16.09 -23.84
CA GLY C 167 6.99 16.99 -24.85
C GLY C 167 6.22 16.89 -26.15
N THR C 168 6.51 17.85 -27.04
CA THR C 168 5.79 17.94 -28.30
C THR C 168 5.99 16.71 -29.17
N TYR C 169 7.08 15.97 -28.97
CA TYR C 169 7.36 14.81 -29.82
C TYR C 169 6.25 13.78 -29.70
N TYR C 170 5.79 13.52 -28.49
CA TYR C 170 4.75 12.52 -28.25
C TYR C 170 3.37 13.18 -28.30
N ARG C 171 2.33 12.35 -28.13
CA ARG C 171 0.97 12.82 -27.95
C ARG C 171 0.54 12.62 -26.50
N PRO C 172 -0.32 13.49 -25.97
CA PRO C 172 -0.66 13.43 -24.55
C PRO C 172 -1.54 12.22 -24.25
N PRO C 173 -1.07 11.30 -23.40
CA PRO C 173 -1.94 10.17 -23.03
C PRO C 173 -3.12 10.62 -22.18
N ASN C 174 -3.93 9.67 -21.76
CA ASN C 174 -5.02 9.92 -20.82
C ASN C 174 -4.63 9.30 -19.49
N TRP C 175 -4.23 10.14 -18.54
CA TRP C 175 -3.82 9.65 -17.24
C TRP C 175 -5.03 9.14 -16.48
N THR C 176 -4.91 7.95 -15.89
CA THR C 176 -6.03 7.35 -15.18
C THR C 176 -5.67 6.72 -13.84
N TRP C 177 -4.41 6.51 -13.52
CA TRP C 177 -4.06 5.84 -12.28
C TRP C 177 -2.62 6.14 -11.91
N GLY C 178 -2.31 5.94 -10.63
CA GLY C 178 -0.97 6.13 -10.14
C GLY C 178 -0.78 5.38 -8.82
N PRO C 179 0.47 5.08 -8.47
CA PRO C 179 0.73 4.27 -7.29
C PRO C 179 0.59 4.99 -5.95
N ASN C 180 0.01 6.19 -5.93
CA ASN C 180 -0.17 6.94 -4.69
C ASN C 180 -1.62 7.34 -4.51
N PHE C 181 -2.54 6.45 -4.86
CA PHE C 181 -3.95 6.68 -4.57
C PHE C 181 -4.16 6.78 -3.06
N ILE C 182 -5.34 7.25 -2.68
CA ILE C 182 -5.78 7.29 -1.29
C ILE C 182 -7.08 6.50 -1.19
N ASN C 183 -7.12 5.56 -0.25
CA ASN C 183 -8.29 4.72 -0.03
C ASN C 183 -8.86 5.02 1.34
N PRO C 184 -9.90 5.85 1.44
CA PRO C 184 -10.36 6.24 2.78
C PRO C 184 -10.80 5.08 3.64
N TYR C 185 -11.41 4.06 3.04
CA TYR C 185 -11.98 2.97 3.82
C TYR C 185 -10.93 2.11 4.50
N GLN C 186 -9.66 2.24 4.13
CA GLN C 186 -8.62 1.36 4.64
C GLN C 186 -7.53 2.10 5.40
N VAL C 187 -7.76 3.36 5.77
CA VAL C 187 -6.74 4.13 6.45
C VAL C 187 -6.41 3.56 7.82
N THR C 188 -7.30 2.78 8.41
CA THR C 188 -7.07 2.25 9.74
C THR C 188 -5.92 1.25 9.79
N VAL C 189 -5.43 0.80 8.63
CA VAL C 189 -4.34 -0.18 8.62
C VAL C 189 -3.11 0.41 9.31
N PHE C 190 -2.77 1.66 8.99
CA PHE C 190 -1.66 2.31 9.64
C PHE C 190 -1.99 2.54 11.11
N PRO C 191 -0.97 2.68 11.97
CA PRO C 191 -1.25 2.94 13.39
C PRO C 191 -2.09 4.19 13.55
N HIS C 192 -3.09 4.10 14.43
CA HIS C 192 -4.09 5.15 14.53
C HIS C 192 -4.82 5.05 15.86
N GLN C 193 -5.64 6.05 16.13
CA GLN C 193 -6.54 6.05 17.28
C GLN C 193 -7.74 6.92 16.95
N ILE C 194 -8.90 6.52 17.44
CA ILE C 194 -10.15 7.23 17.15
C ILE C 194 -10.36 8.28 18.23
N LEU C 195 -10.44 9.53 17.82
CA LEU C 195 -10.61 10.64 18.75
C LEU C 195 -12.10 11.00 18.85
N ASN C 196 -12.83 10.11 19.53
CA ASN C 196 -14.26 10.30 19.70
C ASN C 196 -14.52 11.42 20.71
N ALA C 197 -15.70 12.02 20.59
CA ALA C 197 -16.06 13.16 21.43
C ALA C 197 -16.56 12.76 22.81
N ARG C 198 -16.69 11.47 23.09
CA ARG C 198 -17.27 11.01 24.34
C ARG C 198 -16.39 10.03 25.10
N THR C 199 -15.12 9.88 24.71
CA THR C 199 -14.28 8.86 25.33
C THR C 199 -12.93 9.39 25.81
N SER C 200 -12.36 10.38 25.12
CA SER C 200 -11.04 10.87 25.46
C SER C 200 -10.77 12.16 24.70
N THR C 201 -9.61 12.74 24.96
CA THR C 201 -9.22 14.03 24.39
C THR C 201 -7.88 14.01 23.67
N SER C 202 -6.92 13.19 24.13
CA SER C 202 -5.57 13.19 23.58
C SER C 202 -5.22 11.79 23.11
N VAL C 203 -4.52 11.71 21.97
CA VAL C 203 -4.06 10.47 21.40
C VAL C 203 -2.58 10.60 21.07
N ASP C 204 -1.89 9.46 20.99
CA ASP C 204 -0.45 9.48 20.84
C ASP C 204 0.03 8.20 20.18
N ILE C 205 1.14 8.31 19.44
CA ILE C 205 1.72 7.19 18.72
C ILE C 205 3.23 7.25 18.82
N ASN C 206 3.87 6.09 18.70
CA ASN C 206 5.32 5.98 18.67
C ASN C 206 5.72 5.15 17.45
N VAL C 207 6.61 5.69 16.62
CA VAL C 207 6.97 5.05 15.37
C VAL C 207 8.49 4.94 15.25
N PRO C 208 9.02 3.88 14.63
CA PRO C 208 10.47 3.81 14.41
C PRO C 208 10.89 4.41 13.08
N TYR C 209 12.18 4.32 12.75
CA TYR C 209 12.67 4.83 11.48
C TYR C 209 12.53 3.79 10.38
N ILE C 210 12.11 4.26 9.19
CA ILE C 210 11.98 3.41 8.02
C ILE C 210 12.54 4.15 6.81
N GLY C 211 12.85 3.38 5.76
CA GLY C 211 13.37 3.93 4.53
C GLY C 211 14.10 2.91 3.69
N GLU C 212 14.14 3.13 2.38
CA GLU C 212 14.77 2.20 1.45
C GLU C 212 16.29 2.29 1.47
N THR C 213 16.88 3.02 2.40
CA THR C 213 18.32 3.08 2.58
C THR C 213 18.59 3.26 4.06
N PRO C 214 19.78 2.89 4.53
CA PRO C 214 20.09 3.07 5.95
C PRO C 214 20.02 4.51 6.40
N THR C 215 20.13 5.46 5.47
CA THR C 215 20.01 6.88 5.80
C THR C 215 19.49 7.59 4.55
N GLN C 216 18.79 8.70 4.77
CA GLN C 216 18.16 9.44 3.70
C GLN C 216 18.60 10.89 3.72
N SER C 217 18.55 11.52 2.56
CA SER C 217 18.91 12.92 2.45
C SER C 217 18.06 13.76 3.40
N SER C 218 18.70 14.72 4.07
CA SER C 218 18.04 15.49 5.11
C SER C 218 17.24 16.67 4.58
N GLU C 219 17.28 16.94 3.29
CA GLU C 219 16.57 18.08 2.71
C GLU C 219 15.36 17.69 1.89
N THR C 220 15.10 16.40 1.69
CA THR C 220 13.97 15.97 0.88
C THR C 220 13.19 14.79 1.44
N GLN C 221 13.66 14.12 2.49
CA GLN C 221 12.98 12.93 2.97
C GLN C 221 11.58 13.27 3.48
N ASN C 222 10.62 12.40 3.16
CA ASN C 222 9.23 12.56 3.55
C ASN C 222 8.64 11.23 3.99
N SER C 223 9.36 10.50 4.84
CA SER C 223 8.97 9.14 5.17
C SER C 223 7.60 9.09 5.83
N TRP C 224 7.40 9.88 6.88
CA TRP C 224 6.18 9.83 7.68
C TRP C 224 5.37 11.10 7.46
N THR C 225 4.05 10.94 7.34
CA THR C 225 3.14 12.06 7.16
C THR C 225 1.99 11.91 8.15
N LEU C 226 1.68 12.99 8.86
CA LEU C 226 0.61 13.00 9.84
C LEU C 226 -0.70 13.37 9.14
N LEU C 227 -1.72 12.54 9.31
CA LEU C 227 -2.99 12.69 8.61
C LEU C 227 -4.13 12.70 9.61
N VAL C 228 -5.03 13.67 9.46
CA VAL C 228 -6.23 13.79 10.28
C VAL C 228 -7.44 13.87 9.37
N MET C 229 -8.41 13.00 9.58
CA MET C 229 -9.60 12.92 8.73
C MET C 229 -10.85 12.85 9.59
N VAL C 230 -11.96 13.33 9.03
CA VAL C 230 -13.24 13.42 9.73
C VAL C 230 -14.14 12.29 9.27
N LEU C 231 -14.62 11.48 10.22
CA LEU C 231 -15.53 10.39 9.91
C LEU C 231 -16.98 10.82 10.05
N VAL C 232 -17.38 11.26 11.24
CA VAL C 232 -18.74 11.70 11.51
C VAL C 232 -18.75 13.22 11.55
N PRO C 233 -19.48 13.89 10.65
CA PRO C 233 -19.48 15.35 10.67
C PRO C 233 -19.94 15.90 12.02
N LEU C 234 -19.32 17.00 12.43
CA LEU C 234 -19.66 17.64 13.69
C LEU C 234 -21.09 18.14 13.66
N ASP C 235 -21.75 18.05 14.82
CA ASP C 235 -23.10 18.60 14.96
C ASP C 235 -23.38 18.81 16.44
N TYR C 236 -24.06 19.92 16.75
CA TYR C 236 -24.39 20.26 18.12
C TYR C 236 -25.58 21.20 18.11
N LYS C 237 -26.21 21.35 19.28
CA LYS C 237 -27.34 22.25 19.44
C LYS C 237 -26.89 23.70 19.30
N GLU C 238 -27.69 24.49 18.60
CA GLU C 238 -27.33 25.88 18.36
C GLU C 238 -27.20 26.65 19.66
N GLY C 239 -26.21 27.54 19.72
CA GLY C 239 -26.03 28.43 20.84
C GLY C 239 -25.17 27.88 21.96
N ALA C 240 -24.76 26.61 21.89
CA ALA C 240 -23.98 26.02 22.98
C ALA C 240 -22.51 26.39 22.87
N THR C 241 -21.85 25.97 21.78
CA THR C 241 -20.43 26.22 21.60
C THR C 241 -20.15 26.24 20.10
N THR C 242 -19.05 26.88 19.73
CA THR C 242 -18.73 27.11 18.33
C THR C 242 -17.31 26.66 18.03
N ASP C 243 -17.16 25.76 17.06
CA ASP C 243 -15.90 25.53 16.36
C ASP C 243 -14.72 25.28 17.29
N PRO C 244 -14.61 24.09 17.89
CA PRO C 244 -13.42 23.78 18.70
C PRO C 244 -12.14 23.93 17.90
N GLU C 245 -11.01 23.84 18.61
CA GLU C 245 -9.69 24.04 18.03
C GLU C 245 -8.87 22.76 18.17
N ILE C 246 -7.71 22.74 17.50
CA ILE C 246 -6.85 21.56 17.45
C ILE C 246 -5.41 21.99 17.67
N THR C 247 -4.62 21.08 18.25
CA THR C 247 -3.20 21.31 18.48
C THR C 247 -2.47 19.98 18.41
N PHE C 248 -1.15 20.04 18.32
CA PHE C 248 -0.34 18.82 18.26
C PHE C 248 1.06 19.11 18.79
N SER C 249 1.76 18.04 19.16
CA SER C 249 3.11 18.13 19.70
C SER C 249 3.98 17.06 19.07
N VAL C 250 5.26 17.38 18.88
CA VAL C 250 6.21 16.51 18.21
C VAL C 250 7.47 16.38 19.07
N ARG C 251 8.19 15.28 18.88
CA ARG C 251 9.47 15.09 19.55
C ARG C 251 10.30 14.04 18.82
N PRO C 252 11.50 14.37 18.33
CA PRO C 252 12.36 13.35 17.73
C PRO C 252 12.98 12.44 18.79
N THR C 253 13.51 11.32 18.32
CA THR C 253 14.06 10.30 19.20
C THR C 253 15.30 9.67 18.58
N SER C 254 16.38 9.64 19.35
CA SER C 254 17.63 8.99 18.96
C SER C 254 18.05 9.36 17.53
N PRO C 255 18.22 10.63 17.24
CA PRO C 255 18.62 11.03 15.88
C PRO C 255 20.11 10.80 15.64
N TYR C 256 20.47 10.86 14.36
CA TYR C 256 21.86 10.85 13.93
C TYR C 256 22.02 11.85 12.80
N PHE C 257 23.21 12.43 12.70
CA PHE C 257 23.51 13.40 11.66
C PHE C 257 24.88 13.11 11.08
N ASN C 258 25.04 13.41 9.79
CA ASN C 258 26.32 13.23 9.10
C ASN C 258 26.43 14.25 7.99
N GLY C 259 27.66 14.52 7.58
CA GLY C 259 27.91 15.39 6.45
C GLY C 259 27.78 16.86 6.80
N LEU C 260 28.67 17.36 7.66
CA LEU C 260 28.63 18.77 8.02
C LEU C 260 29.01 19.64 6.83
N ARG C 261 28.46 20.85 6.82
CA ARG C 261 28.77 21.84 5.80
C ARG C 261 28.14 23.17 6.23
N ASN C 262 28.24 24.17 5.37
CA ASN C 262 27.63 25.46 5.65
C ASN C 262 26.12 25.37 5.48
N ARG C 263 25.46 26.50 5.70
CA ARG C 263 24.00 26.53 5.61
C ARG C 263 23.54 26.21 4.21
N TYR C 264 22.46 25.43 4.11
CA TYR C 264 21.93 25.04 2.81
C TYR C 264 21.43 26.26 2.06
N THR C 265 21.74 26.30 0.76
CA THR C 265 21.23 27.33 -0.13
C THR C 265 20.91 26.71 -1.48
N ALA C 266 19.96 27.30 -2.18
CA ALA C 266 19.47 26.77 -3.44
C ALA C 266 19.79 27.74 -4.57
N GLY C 267 19.31 27.42 -5.77
CA GLY C 267 19.52 28.26 -6.93
C GLY C 267 19.35 27.51 -8.24
N ARG D 1 10.93 -24.38 1.17
CA ARG D 1 10.40 -23.02 1.22
C ARG D 1 10.10 -22.52 -0.17
N GLY D 2 8.94 -21.88 -0.33
CA GLY D 2 8.54 -21.38 -1.63
C GLY D 2 7.94 -22.47 -2.49
N ASN D 3 7.60 -22.09 -3.73
CA ASN D 3 6.98 -23.02 -4.68
C ASN D 3 8.06 -23.84 -5.38
N ASN D 4 8.86 -24.52 -4.57
CA ASN D 4 9.97 -25.34 -5.04
C ASN D 4 9.72 -26.79 -4.64
N GLY D 5 9.79 -27.69 -5.62
CA GLY D 5 9.49 -29.09 -5.37
C GLY D 5 10.71 -29.95 -5.18
N ASN D 6 11.77 -29.68 -5.94
CA ASN D 6 12.97 -30.49 -5.87
C ASN D 6 13.51 -30.50 -4.44
N MET D 7 13.80 -31.70 -3.94
CA MET D 7 14.36 -31.85 -2.61
C MET D 7 15.41 -32.95 -2.56
N THR D 8 16.14 -33.14 -3.65
CA THR D 8 17.12 -34.21 -3.73
C THR D 8 18.52 -33.75 -4.13
N PHE D 9 18.62 -32.76 -5.01
CA PHE D 9 19.92 -32.42 -5.59
C PHE D 9 19.89 -31.01 -6.12
N ASN D 10 20.85 -30.20 -5.69
CA ASN D 10 21.06 -28.86 -6.23
C ASN D 10 22.40 -28.86 -6.96
N TYR D 11 22.37 -28.54 -8.25
CA TYR D 11 23.57 -28.69 -9.08
C TYR D 11 24.54 -27.53 -8.86
N TYR D 12 24.11 -26.32 -9.19
CA TYR D 12 24.97 -25.16 -9.05
C TYR D 12 25.09 -24.75 -7.59
N ALA D 13 26.21 -24.10 -7.26
CA ALA D 13 26.46 -23.70 -5.89
C ALA D 13 25.47 -22.64 -5.44
N ASN D 14 25.29 -22.56 -4.12
CA ASN D 14 24.32 -21.61 -3.57
C ASN D 14 24.69 -20.18 -3.93
N THR D 15 25.99 -19.85 -3.87
CA THR D 15 26.40 -18.48 -4.17
C THR D 15 26.08 -18.11 -5.61
N TYR D 16 26.17 -19.05 -6.54
CA TYR D 16 25.85 -18.80 -7.93
C TYR D 16 24.38 -18.98 -8.24
N GLN D 17 23.60 -19.52 -7.31
CA GLN D 17 22.16 -19.67 -7.50
C GLN D 17 21.36 -18.53 -6.91
N ASN D 18 21.76 -18.01 -5.76
CA ASN D 18 21.02 -16.94 -5.10
C ASN D 18 21.99 -15.91 -4.55
N SER D 19 21.51 -14.68 -4.42
CA SER D 19 22.33 -13.62 -3.84
C SER D 19 22.49 -13.84 -2.34
N VAL D 20 23.56 -13.28 -1.79
CA VAL D 20 23.86 -13.41 -0.37
C VAL D 20 24.33 -12.05 0.16
N ASP D 21 23.82 -11.66 1.32
CA ASP D 21 24.20 -10.39 1.93
C ASP D 21 25.52 -10.55 2.69
N PHE D 22 26.37 -9.55 2.58
CA PHE D 22 27.69 -9.59 3.20
C PHE D 22 27.61 -9.13 4.65
N SER D 23 28.30 -9.85 5.52
CA SER D 23 28.27 -9.54 6.95
C SER D 23 28.93 -8.19 7.22
N THR D 24 28.40 -7.50 8.23
CA THR D 24 28.89 -6.18 8.62
C THR D 24 29.95 -6.24 9.71
N SER D 25 30.31 -7.43 10.19
CA SER D 25 31.32 -7.55 11.23
C SER D 25 32.66 -7.02 10.74
N GLY D 49 -0.04 -19.95 11.97
CA GLY D 49 0.55 -20.45 13.19
C GLY D 49 0.83 -19.36 14.20
N ILE D 50 2.08 -19.28 14.68
CA ILE D 50 2.48 -18.25 15.61
C ILE D 50 2.87 -17.01 14.81
N LEU D 51 2.09 -15.94 14.96
CA LEU D 51 2.29 -14.71 14.21
C LEU D 51 2.25 -13.54 15.17
N ASN D 52 3.32 -12.77 15.22
CA ASN D 52 3.38 -11.62 16.11
C ASN D 52 2.42 -10.54 15.63
N PRO D 53 1.91 -9.71 16.55
CA PRO D 53 1.07 -8.58 16.14
C PRO D 53 1.89 -7.35 15.81
N LEU D 54 1.45 -6.62 14.80
CA LEU D 54 2.17 -5.44 14.32
C LEU D 54 1.90 -4.20 15.15
N GLY D 55 1.30 -4.34 16.33
CA GLY D 55 1.05 -3.19 17.18
C GLY D 55 1.01 -3.55 18.65
N TYR D 56 1.86 -2.90 19.45
CA TYR D 56 1.92 -3.10 20.89
C TYR D 56 1.38 -1.86 21.58
N LEU D 57 0.54 -2.07 22.59
CA LEU D 57 -0.09 -0.98 23.33
C LEU D 57 0.33 -1.08 24.78
N LYS D 58 1.31 -0.27 25.17
CA LYS D 58 1.78 -0.24 26.56
C LYS D 58 0.70 0.31 27.48
CA CA E . 18.26 -35.67 -23.48
#